data_3FVM
#
_entry.id   3FVM
#
_cell.length_a   105.690
_cell.length_b   105.690
_cell.length_c   159.572
_cell.angle_alpha   90.00
_cell.angle_beta   90.00
_cell.angle_gamma   90.00
#
_symmetry.space_group_name_H-M   'P 43 21 2'
#
loop_
_entity.id
_entity.type
_entity.pdbx_description
1 polymer 'Mannonate dehydratase'
2 non-polymer 'MANGANESE (II) ION'
#
_entity_poly.entity_id   1
_entity_poly.type   'polypeptide(L)'
_entity_poly.pdbx_seq_one_letter_code
;MGSSHHHHHHSSGLVPRGSHMKMSFRWYGKKDPVTLEEIKAIPGMQGIVTAVYDVPVGQAWPLENILELKKMVEEAGLEI
TVIESIPVHEDIKQGKPNRDALIENYKTSIRNVGAAGIPVVCYNFMPVFDWTRSDLHHPLPDGSTSLAFLKSDLAGVDPV
ADDLNLPGWDSSYSKEEMKAIIENYRQNISEEDLWANLEYFIKAILPTAEEAGVKMAIHPDDPPYGIFGLPRIITGQEAV
ERFLNLYDSEHNGITMCVGSYASDPKNDVLAMTEYALKRNRINFMHTRNVTAGAWGFQETAHLSQAGDIDMNAVVKLLVD
YDWQGSLRPDHGRRIWGDQTKTPGYGLYDRALGATYFNGLYEANMRAAGKTPDFGIKAKTVGTKEG
;
_entity_poly.pdbx_strand_id   A,B
#
# COMPACT_ATOMS: atom_id res chain seq x y z
N SER A 19 7.37 -19.53 9.88
CA SER A 19 7.73 -18.30 9.11
C SER A 19 6.51 -17.47 8.67
N HIS A 20 5.46 -17.48 9.48
CA HIS A 20 4.28 -16.69 9.16
C HIS A 20 4.12 -15.42 10.02
N MET A 21 4.27 -14.28 9.33
CA MET A 21 4.07 -12.94 9.89
C MET A 21 2.62 -12.40 9.71
N LYS A 22 1.93 -12.18 10.82
CA LYS A 22 0.53 -11.77 10.75
C LYS A 22 0.39 -10.25 10.73
N MET A 23 0.41 -9.69 9.54
CA MET A 23 0.12 -8.29 9.35
C MET A 23 -0.95 -7.83 10.33
N SER A 24 -0.61 -6.86 11.19
CA SER A 24 -1.57 -6.32 12.18
C SER A 24 -1.73 -4.81 12.13
N PHE A 25 -2.60 -4.24 12.95
CA PHE A 25 -2.98 -2.81 12.84
C PHE A 25 -3.45 -2.31 14.22
N ARG A 26 -3.02 -1.13 14.65
CA ARG A 26 -3.42 -0.68 16.00
C ARG A 26 -4.82 -0.12 15.98
N TRP A 27 -5.60 -0.47 17.00
CA TRP A 27 -6.99 0.00 17.15
C TRP A 27 -7.21 0.45 18.59
N TYR A 28 -7.89 1.58 18.75
CA TYR A 28 -7.99 2.21 20.07
C TYR A 28 -9.23 1.84 20.92
N GLY A 29 -9.91 0.75 20.57
CA GLY A 29 -11.15 0.41 21.24
C GLY A 29 -12.32 1.21 20.70
N LYS A 30 -13.50 0.99 21.29
CA LYS A 30 -14.80 1.47 20.80
C LYS A 30 -14.86 2.97 20.42
N LYS A 31 -13.99 3.78 21.00
CA LYS A 31 -14.00 5.23 20.79
C LYS A 31 -13.09 5.72 19.63
N ASP A 32 -12.53 4.78 18.86
CA ASP A 32 -11.65 5.09 17.71
C ASP A 32 -12.47 5.52 16.48
N PRO A 33 -12.08 6.61 15.81
CA PRO A 33 -12.85 6.90 14.59
C PRO A 33 -12.55 5.87 13.51
N VAL A 34 -11.42 5.18 13.64
CA VAL A 34 -11.14 4.04 12.77
C VAL A 34 -11.91 2.86 13.32
N THR A 35 -12.77 2.28 12.50
CA THR A 35 -13.57 1.12 12.90
C THR A 35 -12.97 -0.17 12.36
N LEU A 36 -13.41 -1.27 12.94
CA LEU A 36 -12.85 -2.56 12.59
C LEU A 36 -13.36 -3.04 11.24
N GLU A 37 -14.61 -2.62 10.90
CA GLU A 37 -15.21 -2.81 9.57
C GLU A 37 -14.17 -2.33 8.56
N GLU A 38 -13.68 -1.10 8.79
CA GLU A 38 -12.59 -0.51 8.02
C GLU A 38 -11.28 -1.26 8.16
N ILE A 39 -10.78 -1.44 9.39
CA ILE A 39 -9.51 -2.19 9.61
C ILE A 39 -9.50 -3.57 8.95
N LYS A 40 -10.68 -4.21 8.88
CA LYS A 40 -10.87 -5.54 8.29
C LYS A 40 -10.67 -5.54 6.77
N ALA A 41 -11.08 -4.43 6.15
CA ALA A 41 -11.10 -4.27 4.69
C ALA A 41 -9.75 -4.08 3.98
N ILE A 42 -8.67 -3.99 4.75
CA ILE A 42 -7.35 -3.77 4.21
C ILE A 42 -6.91 -5.14 3.76
N PRO A 43 -6.46 -5.26 2.51
CA PRO A 43 -6.10 -6.59 2.03
C PRO A 43 -5.05 -7.18 2.95
N GLY A 44 -5.16 -8.48 3.17
CA GLY A 44 -4.21 -9.24 3.98
C GLY A 44 -4.17 -8.96 5.48
N MET A 45 -4.90 -7.96 5.93
CA MET A 45 -4.87 -7.60 7.35
C MET A 45 -5.49 -8.69 8.18
N GLN A 46 -4.74 -9.16 9.17
CA GLN A 46 -5.24 -10.22 10.06
C GLN A 46 -5.37 -9.73 11.49
N GLY A 47 -4.29 -9.17 12.04
CA GLY A 47 -4.22 -8.90 13.46
C GLY A 47 -4.64 -7.52 13.87
N ILE A 48 -5.13 -7.40 15.10
CA ILE A 48 -5.41 -6.10 15.64
C ILE A 48 -4.42 -5.88 16.82
N VAL A 49 -4.13 -4.62 17.13
CA VAL A 49 -3.15 -4.28 18.15
C VAL A 49 -3.83 -3.25 19.03
N THR A 50 -4.03 -3.60 20.29
CA THR A 50 -4.93 -2.79 21.13
C THR A 50 -4.60 -2.81 22.62
N ALA A 51 -5.33 -1.98 23.37
CA ALA A 51 -5.07 -1.78 24.76
C ALA A 51 -6.39 -1.52 25.41
N VAL A 52 -6.37 -1.63 26.74
CA VAL A 52 -7.50 -1.32 27.62
C VAL A 52 -7.38 0.16 27.98
N TYR A 53 -8.49 0.89 28.00
CA TYR A 53 -8.42 2.34 28.23
C TYR A 53 -9.39 2.87 29.30
N ASP A 54 -9.36 2.28 30.49
CA ASP A 54 -10.29 2.68 31.57
C ASP A 54 -9.85 2.35 33.00
N VAL A 55 -8.91 1.40 33.16
CA VAL A 55 -8.21 1.27 34.43
C VAL A 55 -7.04 2.28 34.44
N PRO A 56 -6.97 3.15 35.47
CA PRO A 56 -6.24 4.44 35.39
C PRO A 56 -4.76 4.39 34.95
N VAL A 57 -4.02 3.37 35.36
CA VAL A 57 -2.65 3.16 34.87
C VAL A 57 -1.99 2.00 35.60
N GLY A 58 -1.43 2.28 36.77
CA GLY A 58 -0.69 1.29 37.53
C GLY A 58 -1.50 0.21 38.24
N GLN A 59 -2.84 0.41 38.29
CA GLN A 59 -3.79 -0.55 38.89
C GLN A 59 -4.07 -1.73 37.96
N ALA A 60 -4.67 -2.79 38.50
CA ALA A 60 -4.86 -4.08 37.78
C ALA A 60 -5.82 -4.03 36.58
N TRP A 61 -5.55 -4.90 35.60
CA TRP A 61 -6.34 -4.99 34.37
C TRP A 61 -7.35 -6.17 34.50
N PRO A 62 -8.66 -5.89 34.73
CA PRO A 62 -9.70 -6.94 34.83
C PRO A 62 -9.97 -7.65 33.50
N LEU A 63 -9.97 -8.98 33.52
CA LEU A 63 -10.33 -9.80 32.36
C LEU A 63 -11.62 -9.31 31.68
N GLU A 64 -12.64 -9.00 32.49
CA GLU A 64 -13.86 -8.32 32.04
C GLU A 64 -13.59 -7.19 31.02
N ASN A 65 -12.45 -6.52 31.17
CA ASN A 65 -12.07 -5.40 30.31
C ASN A 65 -11.36 -5.81 29.03
N ILE A 66 -10.70 -6.97 29.04
CA ILE A 66 -9.89 -7.36 27.89
C ILE A 66 -10.69 -8.27 26.98
N LEU A 67 -11.41 -9.22 27.59
CA LEU A 67 -12.27 -10.16 26.88
C LEU A 67 -13.26 -9.40 26.01
N GLU A 68 -13.81 -8.33 26.58
CA GLU A 68 -14.84 -7.56 25.90
C GLU A 68 -14.26 -6.72 24.74
N LEU A 69 -12.93 -6.77 24.57
CA LEU A 69 -12.28 -6.14 23.43
C LEU A 69 -12.00 -7.21 22.40
N LYS A 70 -11.54 -8.36 22.88
CA LYS A 70 -11.38 -9.52 22.02
C LYS A 70 -12.72 -9.83 21.36
N LYS A 71 -13.78 -9.82 22.16
CA LYS A 71 -15.13 -10.16 21.68
C LYS A 71 -15.55 -9.19 20.60
N MET A 72 -15.31 -7.90 20.86
CA MET A 72 -15.58 -6.85 19.88
C MET A 72 -14.74 -7.05 18.62
N VAL A 73 -13.53 -7.60 18.77
CA VAL A 73 -12.64 -7.85 17.64
C VAL A 73 -13.01 -9.13 16.92
N GLU A 74 -13.00 -10.24 17.64
CA GLU A 74 -13.24 -11.58 17.07
C GLU A 74 -14.54 -11.67 16.24
N GLU A 75 -15.52 -10.81 16.56
CA GLU A 75 -16.79 -10.77 15.82
C GLU A 75 -16.68 -10.06 14.46
N ALA A 76 -15.63 -9.26 14.30
CA ALA A 76 -15.37 -8.50 13.08
C ALA A 76 -14.41 -9.21 12.13
N GLY A 77 -14.11 -10.47 12.39
CA GLY A 77 -13.24 -11.25 11.49
C GLY A 77 -11.76 -11.24 11.83
N LEU A 78 -11.39 -10.41 12.78
CA LEU A 78 -9.99 -10.25 13.17
C LEU A 78 -9.73 -10.90 14.53
N GLU A 79 -8.45 -11.05 14.89
CA GLU A 79 -8.07 -11.48 16.24
C GLU A 79 -7.25 -10.41 16.99
N ILE A 80 -7.11 -10.55 18.31
CA ILE A 80 -6.08 -9.77 18.99
C ILE A 80 -4.75 -10.51 18.96
N THR A 81 -3.81 -9.99 18.17
CA THR A 81 -2.49 -10.61 17.97
C THR A 81 -1.40 -10.14 18.96
N VAL A 82 -1.59 -8.96 19.55
CA VAL A 82 -0.55 -8.29 20.36
C VAL A 82 -1.16 -7.15 21.15
N ILE A 83 -0.65 -6.92 22.35
CA ILE A 83 -1.13 -5.82 23.15
C ILE A 83 -0.14 -4.65 23.18
N GLU A 84 -0.59 -3.52 22.64
CA GLU A 84 0.20 -2.33 22.59
C GLU A 84 -0.04 -1.60 23.87
N SER A 85 0.67 -2.10 24.87
CA SER A 85 1.02 -1.38 26.07
C SER A 85 0.10 -1.59 27.22
N ILE A 86 0.61 -2.37 28.18
CA ILE A 86 0.32 -2.11 29.58
C ILE A 86 1.42 -1.17 30.06
N PRO A 87 1.06 0.09 30.36
CA PRO A 87 2.03 1.07 30.87
C PRO A 87 2.66 0.73 32.22
N VAL A 88 3.98 0.63 32.24
CA VAL A 88 4.72 0.70 33.49
C VAL A 88 4.49 2.07 34.20
N HIS A 89 4.15 2.04 35.50
CA HIS A 89 3.95 3.27 36.30
C HIS A 89 5.29 4.00 36.51
N GLU A 90 5.23 5.34 36.58
CA GLU A 90 6.41 6.17 36.83
C GLU A 90 7.17 5.69 38.04
N ASP A 91 6.45 5.48 39.14
CA ASP A 91 7.05 5.02 40.39
C ASP A 91 7.86 3.72 40.22
N ILE A 92 7.42 2.82 39.33
CA ILE A 92 8.24 1.63 39.10
C ILE A 92 9.55 2.01 38.43
N LYS A 93 9.45 2.90 37.44
CA LYS A 93 10.58 3.34 36.61
C LYS A 93 11.58 4.10 37.46
N GLN A 94 11.06 4.96 38.33
CA GLN A 94 11.84 5.70 39.31
C GLN A 94 12.38 4.86 40.46
N GLY A 95 12.04 3.57 40.48
CA GLY A 95 12.50 2.65 41.51
C GLY A 95 12.06 3.09 42.91
N LYS A 96 11.00 3.87 42.98
CA LYS A 96 10.49 4.38 44.25
C LYS A 96 10.08 3.22 45.22
N PRO A 97 9.75 3.52 46.49
CA PRO A 97 9.65 2.43 47.47
C PRO A 97 8.38 1.63 47.26
N ASN A 98 7.28 2.37 47.12
CA ASN A 98 5.94 1.88 46.81
C ASN A 98 5.77 1.11 45.49
N ARG A 99 6.87 0.65 44.89
CA ARG A 99 6.76 0.05 43.58
C ARG A 99 6.09 -1.31 43.58
N ASP A 100 6.36 -2.15 44.58
CA ASP A 100 5.85 -3.53 44.62
C ASP A 100 4.34 -3.72 44.51
N ALA A 101 3.58 -2.84 45.16
CA ALA A 101 2.13 -2.72 44.98
C ALA A 101 1.79 -2.53 43.50
N LEU A 102 2.53 -1.67 42.82
CA LEU A 102 2.27 -1.42 41.40
C LEU A 102 2.75 -2.57 40.53
N ILE A 103 3.96 -3.08 40.81
CA ILE A 103 4.45 -4.22 40.07
C ILE A 103 3.51 -5.40 40.29
N GLU A 104 2.80 -5.39 41.42
CA GLU A 104 1.85 -6.47 41.67
C GLU A 104 0.75 -6.49 40.63
N ASN A 105 -0.06 -5.43 40.60
CA ASN A 105 -1.08 -5.23 39.58
C ASN A 105 -0.57 -5.59 38.19
N TYR A 106 0.63 -5.13 37.87
CA TYR A 106 1.28 -5.43 36.58
C TYR A 106 1.49 -6.93 36.37
N LYS A 107 1.93 -7.65 37.42
CA LYS A 107 1.96 -9.12 37.42
C LYS A 107 0.63 -9.73 36.93
N THR A 108 -0.50 -9.27 37.50
CA THR A 108 -1.81 -9.82 37.13
C THR A 108 -2.21 -9.42 35.70
N SER A 109 -2.01 -8.16 35.35
CA SER A 109 -2.20 -7.72 33.99
C SER A 109 -1.62 -8.77 33.03
N ILE A 110 -0.40 -9.24 33.33
CA ILE A 110 0.25 -10.26 32.50
C ILE A 110 -0.49 -11.58 32.59
N ARG A 111 -1.10 -11.83 33.74
CA ARG A 111 -1.85 -13.07 34.01
C ARG A 111 -3.19 -13.16 33.23
N ASN A 112 -3.99 -12.09 33.31
CA ASN A 112 -5.23 -11.93 32.54
C ASN A 112 -5.12 -12.00 31.00
N VAL A 113 -4.00 -11.49 30.48
CA VAL A 113 -3.76 -11.47 29.04
C VAL A 113 -3.45 -12.87 28.49
N GLY A 114 -2.56 -13.61 29.17
CA GLY A 114 -2.32 -15.02 28.83
C GLY A 114 -3.61 -15.79 28.98
N ALA A 115 -4.42 -15.36 29.96
CA ALA A 115 -5.73 -15.92 30.32
C ALA A 115 -6.81 -15.49 29.35
N ALA A 116 -6.45 -15.46 28.05
CA ALA A 116 -7.28 -14.88 26.99
C ALA A 116 -6.50 -14.92 25.68
N GLY A 117 -5.60 -15.90 25.53
CA GLY A 117 -5.05 -16.30 24.22
C GLY A 117 -3.98 -15.42 23.59
N ILE A 118 -4.11 -14.10 23.81
CA ILE A 118 -3.15 -13.08 23.35
C ILE A 118 -1.70 -13.24 23.87
N PRO A 119 -0.76 -13.53 22.96
CA PRO A 119 0.62 -13.98 23.23
C PRO A 119 1.73 -12.92 23.39
N VAL A 120 1.42 -11.64 23.19
CA VAL A 120 2.48 -10.63 23.26
C VAL A 120 2.06 -9.32 23.92
N VAL A 121 2.80 -8.92 24.94
CA VAL A 121 2.57 -7.61 25.54
C VAL A 121 3.72 -6.71 25.28
N CYS A 122 3.39 -5.51 24.81
CA CYS A 122 4.36 -4.51 24.44
C CYS A 122 4.30 -3.38 25.46
N TYR A 123 5.47 -2.94 25.90
CA TYR A 123 5.59 -1.92 26.96
C TYR A 123 6.87 -1.10 26.72
N ASN A 124 7.09 -0.08 27.56
CA ASN A 124 8.35 0.65 27.51
C ASN A 124 8.95 0.95 28.88
N PHE A 125 10.14 1.53 28.88
CA PHE A 125 10.79 2.00 30.10
C PHE A 125 11.38 3.41 29.93
N MET A 126 10.54 4.34 29.54
CA MET A 126 10.99 5.65 29.13
C MET A 126 10.50 6.72 30.09
N PRO A 127 11.38 7.26 30.92
CA PRO A 127 11.03 8.33 31.84
C PRO A 127 10.07 9.36 31.25
N VAL A 128 9.07 9.77 32.03
CA VAL A 128 8.26 10.99 31.78
C VAL A 128 7.37 11.02 30.53
N PHE A 129 7.87 10.57 29.39
CA PHE A 129 7.15 10.70 28.12
C PHE A 129 7.13 9.38 27.41
N ASP A 130 6.11 9.15 26.59
CA ASP A 130 6.11 7.98 25.75
C ASP A 130 6.79 8.25 24.41
N TRP A 131 6.86 9.52 24.03
CA TRP A 131 7.52 9.93 22.81
C TRP A 131 7.47 11.45 22.84
N THR A 132 8.30 12.12 22.06
CA THR A 132 8.28 13.56 22.07
C THR A 132 8.38 14.03 20.64
N ARG A 133 7.46 14.88 20.20
CA ARG A 133 7.67 15.53 18.90
C ARG A 133 7.71 17.03 19.08
N SER A 134 8.19 17.77 18.09
CA SER A 134 8.19 19.22 18.16
C SER A 134 7.11 19.84 17.28
N ASP A 135 6.37 19.02 16.53
CA ASP A 135 5.49 19.51 15.45
C ASP A 135 4.65 18.36 14.86
N LEU A 136 3.33 18.44 14.96
CA LEU A 136 2.51 17.34 14.53
C LEU A 136 1.79 17.61 13.20
N HIS A 137 2.41 18.48 12.42
CA HIS A 137 1.94 18.84 11.10
C HIS A 137 3.12 19.38 10.31
N HIS A 138 4.24 18.68 10.32
CA HIS A 138 5.37 19.15 9.55
C HIS A 138 5.17 18.77 8.09
N PRO A 139 5.41 19.72 7.15
CA PRO A 139 5.13 19.47 5.73
C PRO A 139 6.17 18.61 5.07
N LEU A 140 5.75 17.76 4.15
CA LEU A 140 6.67 17.00 3.26
C LEU A 140 6.59 17.49 1.79
N PRO A 141 7.62 17.15 0.97
CA PRO A 141 7.67 17.55 -0.42
C PRO A 141 6.42 17.21 -1.20
N ASP A 142 5.69 16.17 -0.84
CA ASP A 142 4.49 15.87 -1.63
C ASP A 142 3.29 16.61 -1.13
N GLY A 143 3.51 17.67 -0.34
CA GLY A 143 2.42 18.52 0.20
C GLY A 143 1.62 18.01 1.40
N SER A 144 1.83 16.75 1.78
CA SER A 144 1.20 16.12 2.97
C SER A 144 1.92 16.60 4.19
N THR A 145 1.40 16.27 5.37
CA THR A 145 2.08 16.63 6.62
C THR A 145 2.39 15.37 7.43
N SER A 146 3.42 15.44 8.28
CA SER A 146 3.79 14.32 9.18
C SER A 146 4.51 14.82 10.44
N LEU A 147 4.66 13.95 11.44
CA LEU A 147 5.26 14.36 12.70
C LEU A 147 6.78 14.51 12.60
N ALA A 148 7.28 15.57 13.19
CA ALA A 148 8.71 15.78 13.21
C ALA A 148 9.16 16.15 14.62
N PHE A 149 10.44 15.92 14.89
CA PHE A 149 11.12 16.33 16.10
C PHE A 149 12.28 17.15 15.63
N LEU A 150 12.23 18.46 15.82
CA LEU A 150 13.35 19.29 15.41
C LEU A 150 14.14 19.77 16.61
N LYS A 151 15.35 19.24 16.78
CA LYS A 151 16.21 19.54 17.92
C LYS A 151 16.27 21.03 18.18
N SER A 152 16.70 21.78 17.17
CA SER A 152 16.84 23.21 17.31
C SER A 152 15.52 23.86 17.64
N ASP A 153 14.41 23.16 17.54
CA ASP A 153 13.20 23.86 17.88
C ASP A 153 12.75 23.54 19.28
N LEU A 154 13.34 22.53 19.89
CA LEU A 154 13.07 22.21 21.29
C LEU A 154 14.15 22.70 22.23
N ALA A 155 15.12 23.42 21.67
CA ALA A 155 16.20 24.00 22.46
C ALA A 155 15.66 25.02 23.48
N GLY A 156 14.85 25.97 23.01
CA GLY A 156 14.14 26.90 23.89
C GLY A 156 13.32 26.28 25.03
N VAL A 157 12.58 25.19 24.76
CA VAL A 157 11.55 24.70 25.69
C VAL A 157 11.96 24.05 27.03
N ASP A 158 11.22 24.47 28.07
CA ASP A 158 11.25 23.86 29.38
C ASP A 158 9.93 23.08 29.48
N PRO A 159 9.99 21.75 29.48
CA PRO A 159 8.77 20.94 29.50
C PRO A 159 7.77 21.32 30.60
N SER A 174 -0.71 15.13 36.44
CA SER A 174 -0.73 16.49 36.97
C SER A 174 0.25 17.40 36.23
N LYS A 175 0.17 18.70 36.51
CA LYS A 175 1.05 19.67 35.83
C LYS A 175 2.19 20.18 36.71
N GLU A 176 1.89 20.44 38.00
CA GLU A 176 2.92 20.83 38.98
C GLU A 176 3.65 19.59 39.54
N GLU A 177 3.06 18.42 39.36
CA GLU A 177 3.67 17.17 39.82
C GLU A 177 4.73 16.64 38.87
N MET A 178 4.39 16.64 37.57
CA MET A 178 5.32 16.29 36.51
C MET A 178 6.61 17.08 36.65
N LYS A 179 6.47 18.37 36.88
CA LYS A 179 7.60 19.26 37.20
C LYS A 179 8.67 18.57 38.03
N ALA A 180 8.28 18.03 39.18
CA ALA A 180 9.26 17.46 40.09
C ALA A 180 9.48 15.97 39.86
N ILE A 181 8.76 15.38 38.91
CA ILE A 181 9.09 14.02 38.48
C ILE A 181 10.29 14.13 37.56
N ILE A 182 10.29 15.21 36.78
CA ILE A 182 11.34 15.51 35.84
C ILE A 182 12.55 15.80 36.69
N GLU A 183 12.38 16.71 37.64
CA GLU A 183 13.43 17.07 38.57
C GLU A 183 14.01 15.83 39.24
N ASN A 184 13.18 14.92 39.70
CA ASN A 184 13.71 13.70 40.31
C ASN A 184 14.63 12.97 39.33
N TYR A 185 14.16 12.74 38.10
CA TYR A 185 14.93 12.04 37.03
C TYR A 185 16.23 12.75 36.66
N ARG A 186 16.10 14.04 36.31
CA ARG A 186 17.24 14.93 36.08
C ARG A 186 18.31 14.85 37.12
N GLN A 187 17.93 14.89 38.40
CA GLN A 187 18.92 15.06 39.45
C GLN A 187 19.38 13.77 40.08
N ASN A 188 18.49 12.80 40.23
CA ASN A 188 18.77 11.68 41.14
C ASN A 188 18.69 10.30 40.50
N ILE A 189 18.34 10.23 39.22
CA ILE A 189 18.37 8.94 38.50
C ILE A 189 19.32 9.01 37.32
N SER A 190 20.41 8.29 37.40
CA SER A 190 21.34 8.24 36.30
C SER A 190 20.94 7.09 35.41
N GLU A 191 21.51 7.02 34.21
CA GLU A 191 21.22 5.93 33.31
C GLU A 191 21.30 4.59 34.03
N GLU A 192 22.40 4.42 34.76
CA GLU A 192 22.67 3.15 35.43
C GLU A 192 21.67 2.83 36.51
N ASP A 193 21.07 3.87 37.08
CA ASP A 193 19.99 3.72 38.04
C ASP A 193 18.81 3.14 37.34
N LEU A 194 18.43 3.82 36.25
CA LEU A 194 17.30 3.45 35.40
C LEU A 194 17.54 2.05 34.86
N TRP A 195 18.78 1.70 34.55
CA TRP A 195 19.06 0.33 34.17
C TRP A 195 18.71 -0.66 35.31
N ALA A 196 18.95 -0.24 36.55
CA ALA A 196 18.77 -1.10 37.72
C ALA A 196 17.30 -1.11 38.09
N ASN A 197 16.64 0.01 37.88
CA ASN A 197 15.23 0.08 38.14
C ASN A 197 14.45 -0.80 37.17
N LEU A 198 14.98 -0.94 35.94
CA LEU A 198 14.44 -1.85 34.94
C LEU A 198 14.77 -3.29 35.27
N GLU A 199 15.94 -3.52 35.85
CA GLU A 199 16.37 -4.86 36.15
C GLU A 199 15.37 -5.51 37.11
N TYR A 200 15.12 -4.80 38.20
CA TYR A 200 14.16 -5.18 39.20
C TYR A 200 12.86 -5.58 38.53
N PHE A 201 12.23 -4.59 37.89
CA PHE A 201 10.94 -4.79 37.20
C PHE A 201 10.89 -6.07 36.35
N ILE A 202 11.99 -6.39 35.68
CA ILE A 202 12.03 -7.48 34.71
C ILE A 202 12.00 -8.83 35.42
N LYS A 203 13.00 -9.10 36.24
CA LYS A 203 13.00 -10.39 36.93
C LYS A 203 11.83 -10.46 37.89
N ALA A 204 11.13 -9.35 38.10
CA ALA A 204 9.89 -9.39 38.86
C ALA A 204 8.79 -10.05 38.03
N ILE A 205 8.57 -9.49 36.85
CA ILE A 205 7.47 -9.84 35.98
C ILE A 205 7.76 -10.96 34.98
N LEU A 206 9.02 -11.31 34.77
CA LEU A 206 9.31 -12.27 33.72
C LEU A 206 8.86 -13.71 33.96
N PRO A 207 9.05 -14.25 35.20
CA PRO A 207 8.44 -15.54 35.47
C PRO A 207 6.94 -15.54 35.18
N THR A 208 6.23 -14.51 35.64
CA THR A 208 4.79 -14.40 35.43
C THR A 208 4.43 -14.60 33.97
N ALA A 209 5.22 -14.01 33.08
CA ALA A 209 4.96 -14.02 31.62
C ALA A 209 5.25 -15.35 30.97
N GLU A 210 6.18 -16.12 31.52
CA GLU A 210 6.42 -17.49 31.05
C GLU A 210 5.29 -18.40 31.58
N GLU A 211 4.69 -18.00 32.71
CA GLU A 211 3.63 -18.79 33.36
C GLU A 211 2.27 -18.58 32.70
N ALA A 212 2.11 -17.48 31.96
CA ALA A 212 0.86 -17.16 31.28
C ALA A 212 0.98 -17.29 29.76
N GLY A 213 2.17 -17.67 29.29
CA GLY A 213 2.50 -17.78 27.86
C GLY A 213 2.64 -16.50 27.02
N VAL A 214 2.54 -15.34 27.68
CA VAL A 214 2.64 -14.01 27.08
C VAL A 214 4.11 -13.64 26.84
N LYS A 215 4.44 -13.05 25.68
CA LYS A 215 5.81 -12.56 25.44
C LYS A 215 5.92 -11.03 25.51
N MET A 216 6.91 -10.57 26.28
CA MET A 216 7.09 -9.15 26.51
C MET A 216 7.98 -8.63 25.41
N ALA A 217 7.58 -7.50 24.85
CA ALA A 217 8.39 -6.85 23.83
C ALA A 217 8.55 -5.37 24.17
N ILE A 218 9.80 -4.95 24.36
CA ILE A 218 10.04 -3.59 24.84
C ILE A 218 10.23 -2.60 23.71
N HIS A 219 9.59 -1.45 23.84
CA HIS A 219 9.70 -0.48 22.79
C HIS A 219 11.00 0.27 22.95
N PRO A 220 11.66 0.62 21.83
CA PRO A 220 12.80 1.52 21.95
C PRO A 220 12.32 2.88 22.44
N ASP A 221 13.23 3.63 23.05
CA ASP A 221 12.93 4.99 23.40
C ASP A 221 12.80 5.85 22.12
N ASP A 222 11.91 6.84 22.16
CA ASP A 222 11.65 7.63 20.99
C ASP A 222 11.54 9.07 21.39
N PRO A 223 12.50 9.92 20.96
CA PRO A 223 13.77 9.60 20.26
C PRO A 223 14.72 8.72 21.09
N PRO A 224 15.61 7.97 20.43
CA PRO A 224 16.48 7.04 21.16
C PRO A 224 17.75 7.68 21.78
N TYR A 225 17.60 8.87 22.36
CA TYR A 225 18.68 9.55 23.04
C TYR A 225 18.04 10.50 24.04
N GLY A 226 18.81 10.92 25.06
CA GLY A 226 18.29 11.78 26.10
C GLY A 226 17.82 13.11 25.56
N ILE A 227 16.77 13.66 26.15
CA ILE A 227 16.31 15.02 25.91
C ILE A 227 15.94 15.66 27.23
N PHE A 228 15.94 17.01 27.29
CA PHE A 228 15.62 17.76 28.53
C PHE A 228 16.31 17.15 29.76
N GLY A 229 17.60 16.86 29.60
CA GLY A 229 18.40 16.13 30.58
C GLY A 229 17.75 14.96 31.27
N LEU A 230 16.75 14.35 30.62
CA LEU A 230 16.14 13.10 31.11
C LEU A 230 16.88 11.92 30.52
N PRO A 231 17.17 10.90 31.34
CA PRO A 231 17.85 9.71 30.79
C PRO A 231 16.96 8.90 29.83
N ARG A 232 17.59 8.24 28.86
CA ARG A 232 16.97 7.17 28.07
C ARG A 232 18.05 6.11 28.02
N ILE A 233 17.64 4.85 28.00
CA ILE A 233 18.59 3.75 27.96
C ILE A 233 18.28 2.74 26.85
N ILE A 234 17.03 2.68 26.41
CA ILE A 234 16.73 1.76 25.32
C ILE A 234 16.84 2.47 23.97
N THR A 235 18.09 2.57 23.53
CA THR A 235 18.52 3.57 22.59
C THR A 235 19.37 3.01 21.42
N GLY A 236 19.92 1.81 21.53
CA GLY A 236 20.69 1.23 20.43
C GLY A 236 21.25 -0.16 20.66
N GLN A 237 22.08 -0.64 19.74
CA GLN A 237 22.60 -2.02 19.72
C GLN A 237 23.05 -2.55 21.07
N GLU A 238 23.90 -1.78 21.76
CA GLU A 238 24.34 -1.98 23.16
C GLU A 238 23.19 -2.28 24.13
N ALA A 239 22.23 -1.35 24.15
CA ALA A 239 21.08 -1.39 25.02
C ALA A 239 20.37 -2.69 24.79
N VAL A 240 20.18 -3.02 23.51
CA VAL A 240 19.51 -4.26 23.13
C VAL A 240 20.14 -5.46 23.87
N GLU A 241 21.43 -5.69 23.63
CA GLU A 241 22.13 -6.80 24.27
C GLU A 241 21.96 -6.83 25.81
N ARG A 242 22.30 -5.72 26.43
CA ARG A 242 22.22 -5.59 27.86
C ARG A 242 20.81 -5.93 28.33
N PHE A 243 19.80 -5.48 27.58
CA PHE A 243 18.41 -5.71 27.97
C PHE A 243 18.09 -7.18 27.80
N LEU A 244 18.30 -7.66 26.58
CA LEU A 244 18.16 -9.06 26.32
C LEU A 244 18.75 -9.82 27.48
N ASN A 245 19.91 -9.37 27.99
CA ASN A 245 20.69 -10.20 28.91
C ASN A 245 20.21 -10.26 30.34
N LEU A 246 19.41 -9.28 30.74
CA LEU A 246 18.80 -9.25 32.07
C LEU A 246 18.09 -10.57 32.40
N TYR A 247 17.77 -11.33 31.37
CA TYR A 247 16.92 -12.49 31.50
C TYR A 247 16.97 -13.16 30.15
N ASP A 248 18.06 -13.89 29.91
CA ASP A 248 18.27 -14.55 28.64
C ASP A 248 17.19 -15.60 28.48
N SER A 249 16.06 -15.17 27.92
CA SER A 249 14.86 -15.99 27.73
C SER A 249 13.96 -15.39 26.64
N GLU A 250 13.35 -16.27 25.85
CA GLU A 250 12.62 -15.89 24.63
C GLU A 250 11.32 -15.06 24.88
N HIS A 251 10.87 -15.00 26.14
CA HIS A 251 9.74 -14.18 26.58
C HIS A 251 10.11 -12.74 26.95
N ASN A 252 11.42 -12.51 26.98
CA ASN A 252 12.01 -11.21 27.28
C ASN A 252 12.51 -10.61 25.98
N GLY A 253 11.68 -9.85 25.29
CA GLY A 253 12.01 -9.41 23.94
C GLY A 253 11.85 -7.93 23.70
N ILE A 254 12.23 -7.53 22.50
CA ILE A 254 12.07 -6.15 22.03
C ILE A 254 10.84 -6.01 21.08
N THR A 255 10.32 -4.81 20.97
CA THR A 255 9.53 -4.41 19.84
C THR A 255 10.55 -3.69 18.96
N MET A 256 10.84 -4.30 17.81
CA MET A 256 11.86 -3.78 16.93
C MET A 256 11.22 -2.71 16.02
N CYS A 257 11.16 -1.50 16.54
CA CYS A 257 10.63 -0.34 15.81
C CYS A 257 11.78 0.25 15.04
N VAL A 258 11.98 -0.18 13.79
CA VAL A 258 13.05 0.39 12.97
C VAL A 258 13.10 1.95 12.99
N GLY A 259 11.92 2.57 12.89
CA GLY A 259 11.77 4.01 12.90
C GLY A 259 12.31 4.69 14.14
N SER A 260 11.98 4.16 15.31
CA SER A 260 12.45 4.75 16.56
C SER A 260 13.95 4.78 16.59
N TYR A 261 14.59 3.66 16.32
CA TYR A 261 16.03 3.58 16.32
C TYR A 261 16.70 4.30 15.17
N ALA A 262 16.08 4.32 14.00
CA ALA A 262 16.62 5.01 12.86
C ALA A 262 16.56 6.52 12.98
N SER A 263 15.77 7.00 13.93
CA SER A 263 15.72 8.42 14.26
C SER A 263 17.08 8.99 14.73
N ASP A 264 17.95 8.11 15.20
CA ASP A 264 19.34 8.44 15.41
C ASP A 264 20.25 7.88 14.30
N PRO A 265 20.89 8.75 13.51
CA PRO A 265 21.83 8.28 12.47
C PRO A 265 22.93 7.33 12.96
N LYS A 266 23.34 7.47 14.21
CA LYS A 266 24.44 6.65 14.71
C LYS A 266 24.09 5.15 14.67
N ASN A 267 22.80 4.82 14.48
CA ASN A 267 22.28 3.44 14.62
C ASN A 267 22.15 2.68 13.31
N ASP A 268 22.46 1.39 13.32
CA ASP A 268 22.27 0.59 12.13
C ASP A 268 21.10 -0.41 12.34
N VAL A 269 19.88 0.04 12.00
CA VAL A 269 18.69 -0.82 12.18
C VAL A 269 18.82 -2.20 11.48
N LEU A 270 19.39 -2.22 10.26
CA LEU A 270 19.62 -3.48 9.57
C LEU A 270 20.50 -4.42 10.38
N ALA A 271 21.53 -3.87 11.02
CA ALA A 271 22.37 -4.74 11.85
C ALA A 271 21.64 -5.09 13.15
N MET A 272 20.95 -4.12 13.72
CA MET A 272 20.29 -4.36 14.99
C MET A 272 19.19 -5.39 14.88
N THR A 273 18.51 -5.33 13.73
CA THR A 273 17.40 -6.20 13.43
C THR A 273 17.91 -7.62 13.25
N GLU A 274 18.85 -7.82 12.33
CA GLU A 274 19.52 -9.09 12.23
C GLU A 274 20.07 -9.59 13.60
N TYR A 275 20.89 -8.80 14.28
CA TYR A 275 21.39 -9.20 15.60
C TYR A 275 20.29 -9.83 16.44
N ALA A 276 19.15 -9.15 16.54
CA ALA A 276 18.13 -9.60 17.49
C ALA A 276 17.40 -10.85 16.99
N LEU A 277 17.34 -10.98 15.67
CA LEU A 277 16.74 -12.13 15.02
C LEU A 277 17.48 -13.46 15.27
N LYS A 278 18.82 -13.44 15.22
CA LYS A 278 19.65 -14.61 15.52
C LYS A 278 19.41 -15.11 16.95
N ARG A 279 19.03 -14.22 17.84
CA ARG A 279 18.75 -14.64 19.20
C ARG A 279 17.29 -15.03 19.50
N ASN A 280 16.46 -15.16 18.46
CA ASN A 280 15.04 -15.38 18.66
C ASN A 280 14.47 -14.37 19.69
N ARG A 281 14.80 -13.09 19.48
CA ARG A 281 14.45 -12.08 20.45
C ARG A 281 13.49 -11.00 19.98
N ILE A 282 12.94 -11.16 18.78
CA ILE A 282 11.93 -10.22 18.32
C ILE A 282 10.53 -10.77 18.63
N ASN A 283 9.76 -10.06 19.43
CA ASN A 283 8.43 -10.56 19.72
C ASN A 283 7.30 -9.73 19.14
N PHE A 284 7.66 -8.87 18.16
CA PHE A 284 6.78 -7.84 17.60
C PHE A 284 7.63 -6.96 16.70
N MET A 285 7.01 -6.34 15.68
CA MET A 285 7.71 -5.49 14.69
C MET A 285 6.90 -4.26 14.40
N HIS A 286 7.53 -3.09 14.41
CA HIS A 286 6.87 -1.86 13.95
C HIS A 286 7.61 -1.43 12.75
N THR A 287 6.94 -1.09 11.69
CA THR A 287 7.75 -0.73 10.57
C THR A 287 7.46 0.63 9.92
N ARG A 288 7.81 1.68 10.70
CA ARG A 288 7.64 3.11 10.39
C ARG A 288 8.90 3.72 9.78
N ASN A 289 8.78 4.73 8.94
CA ASN A 289 9.97 5.26 8.27
C ASN A 289 10.25 6.73 8.61
N VAL A 290 11.53 7.01 8.82
CA VAL A 290 11.96 8.35 9.22
C VAL A 290 13.17 8.70 8.38
N THR A 291 13.44 10.00 8.33
CA THR A 291 14.66 10.52 7.76
C THR A 291 15.32 11.37 8.84
N ALA A 292 16.60 11.16 9.10
CA ALA A 292 17.20 11.80 10.27
C ALA A 292 18.42 12.72 9.97
N GLY A 293 18.89 13.46 10.98
CA GLY A 293 20.11 14.25 10.86
C GLY A 293 20.69 14.64 12.22
N ALA A 294 21.74 15.46 12.19
CA ALA A 294 22.12 16.16 13.40
C ALA A 294 20.92 17.00 13.86
N TRP A 295 20.04 17.35 12.89
CA TRP A 295 18.93 18.28 13.09
C TRP A 295 17.74 17.75 13.86
N GLY A 296 17.67 16.44 14.03
CA GLY A 296 16.43 15.80 14.49
C GLY A 296 15.94 14.84 13.41
N PHE A 297 14.62 14.68 13.29
CA PHE A 297 14.10 13.71 12.33
C PHE A 297 12.66 13.99 11.95
N GLN A 298 12.18 13.37 10.87
CA GLN A 298 10.78 13.49 10.47
C GLN A 298 10.28 12.15 9.99
N GLU A 299 9.01 11.87 10.23
CA GLU A 299 8.44 10.62 9.76
C GLU A 299 8.04 10.82 8.32
N THR A 300 8.16 9.78 7.52
CA THR A 300 7.94 9.87 6.08
C THR A 300 6.95 8.79 5.68
N ALA A 301 6.56 8.74 4.41
CA ALA A 301 5.87 7.57 3.89
C ALA A 301 6.66 6.31 4.21
N HIS A 302 5.97 5.19 4.35
CA HIS A 302 6.61 3.93 4.71
C HIS A 302 7.67 3.53 3.71
N LEU A 303 7.38 3.71 2.42
CA LEU A 303 8.29 3.48 1.30
C LEU A 303 9.75 3.93 1.57
N SER A 304 10.72 3.12 1.16
CA SER A 304 12.12 3.32 1.54
C SER A 304 12.69 4.66 1.05
N GLN A 305 12.83 4.80 -0.27
CA GLN A 305 13.36 6.02 -0.89
C GLN A 305 12.74 7.33 -0.31
N ALA A 306 11.67 7.25 0.49
CA ALA A 306 11.09 8.47 1.11
C ALA A 306 11.71 8.79 2.46
N GLY A 307 12.40 7.81 3.02
CA GLY A 307 13.05 7.91 4.30
C GLY A 307 14.45 7.36 4.24
N ASP A 308 14.94 6.86 5.36
CA ASP A 308 16.34 6.51 5.52
C ASP A 308 16.51 5.01 5.75
N ILE A 309 15.41 4.31 6.03
CA ILE A 309 15.44 2.87 6.31
C ILE A 309 15.11 2.06 5.08
N ASP A 310 15.87 1.02 4.79
CA ASP A 310 15.58 0.20 3.62
C ASP A 310 14.70 -0.93 4.07
N MET A 311 13.40 -0.63 4.05
CA MET A 311 12.36 -1.55 4.50
C MET A 311 12.47 -2.90 3.84
N ASN A 312 12.96 -2.91 2.62
CA ASN A 312 13.03 -4.16 1.90
C ASN A 312 13.97 -5.10 2.61
N ALA A 313 15.22 -4.64 2.82
CA ALA A 313 16.23 -5.34 3.62
C ALA A 313 15.69 -5.79 4.96
N VAL A 314 14.87 -4.96 5.57
CA VAL A 314 14.26 -5.28 6.86
C VAL A 314 13.39 -6.50 6.71
N VAL A 315 12.38 -6.43 5.84
CA VAL A 315 11.47 -7.56 5.70
C VAL A 315 12.17 -8.80 5.09
N LYS A 316 13.13 -8.57 4.19
CA LYS A 316 14.01 -9.66 3.73
C LYS A 316 14.60 -10.39 4.94
N LEU A 317 15.27 -9.66 5.83
CA LEU A 317 15.72 -10.27 7.10
C LEU A 317 14.61 -11.09 7.76
N LEU A 318 13.51 -10.41 8.12
CA LEU A 318 12.36 -11.05 8.75
C LEU A 318 12.00 -12.38 8.06
N VAL A 319 12.01 -12.35 6.73
CA VAL A 319 11.77 -13.54 5.95
C VAL A 319 12.92 -14.56 6.07
N ASP A 320 14.13 -14.20 5.63
CA ASP A 320 15.32 -15.06 5.70
C ASP A 320 15.50 -15.79 7.06
N TYR A 321 14.84 -15.31 8.09
CA TYR A 321 14.98 -15.85 9.45
C TYR A 321 13.69 -16.52 9.93
N ASP A 322 12.80 -16.84 9.00
CA ASP A 322 11.50 -17.42 9.33
C ASP A 322 10.90 -16.82 10.58
N TRP A 323 10.90 -15.50 10.66
CA TRP A 323 10.34 -14.81 11.83
C TRP A 323 8.85 -15.10 12.03
N GLN A 324 8.36 -15.07 13.26
CA GLN A 324 6.93 -15.27 13.59
C GLN A 324 6.42 -14.35 14.70
N GLY A 325 5.37 -13.60 14.38
CA GLY A 325 4.73 -12.66 15.32
C GLY A 325 4.06 -11.68 14.38
N SER A 326 3.46 -10.62 14.89
CA SER A 326 2.85 -9.67 13.96
C SER A 326 3.67 -8.41 13.67
N LEU A 327 3.53 -7.93 12.45
CA LEU A 327 4.14 -6.68 12.02
C LEU A 327 3.04 -5.65 11.87
N ARG A 328 3.34 -4.45 12.33
CA ARG A 328 2.41 -3.33 12.34
C ARG A 328 3.02 -2.18 11.52
N PRO A 329 2.35 -1.72 10.44
CA PRO A 329 2.93 -0.53 9.80
C PRO A 329 2.67 0.57 10.80
N ASP A 330 3.44 1.63 10.82
CA ASP A 330 3.10 2.58 11.85
C ASP A 330 2.57 3.90 11.34
N HIS A 331 2.50 4.84 12.27
CA HIS A 331 2.44 6.23 11.92
C HIS A 331 2.39 6.48 10.39
N GLY A 332 1.17 6.67 9.89
CA GLY A 332 1.00 7.17 8.54
C GLY A 332 1.18 8.66 8.54
N ARG A 333 1.45 9.23 7.37
CA ARG A 333 1.33 10.68 7.14
C ARG A 333 -0.12 11.20 7.30
N ARG A 334 -0.32 12.52 7.14
CA ARG A 334 -1.67 13.04 7.23
C ARG A 334 -2.18 13.42 5.83
N ILE A 335 -2.87 12.48 5.17
CA ILE A 335 -3.28 12.67 3.78
C ILE A 335 -4.78 12.47 3.51
N TRP A 336 -5.23 13.00 2.37
CA TRP A 336 -6.63 12.90 1.94
C TRP A 336 -7.63 13.55 2.88
N GLY A 337 -7.22 14.69 3.46
CA GLY A 337 -8.09 15.46 4.34
C GLY A 337 -8.54 14.74 5.59
N ASP A 338 -7.71 13.81 6.07
CA ASP A 338 -7.92 13.08 7.34
C ASP A 338 -7.97 14.06 8.50
N GLN A 339 -8.93 13.84 9.40
CA GLN A 339 -9.23 14.78 10.50
C GLN A 339 -8.87 14.18 11.87
N THR A 340 -8.79 12.84 11.93
CA THR A 340 -8.39 12.09 13.15
C THR A 340 -7.12 12.71 13.77
N LYS A 341 -7.21 13.08 15.04
CA LYS A 341 -6.21 14.01 15.61
C LYS A 341 -5.09 13.34 16.43
N THR A 342 -5.27 12.07 16.78
CA THR A 342 -4.21 11.28 17.41
C THR A 342 -2.96 11.22 16.51
N PRO A 343 -1.75 11.48 17.11
CA PRO A 343 -0.44 11.45 16.47
C PRO A 343 -0.42 11.05 14.97
N GLY A 344 0.07 9.85 14.64
CA GLY A 344 0.18 9.40 13.25
C GLY A 344 -0.70 8.19 13.03
N TYR A 345 -1.93 8.34 13.49
CA TYR A 345 -2.84 7.22 13.64
C TYR A 345 -4.15 7.39 12.87
N GLY A 346 -4.12 8.19 11.80
CA GLY A 346 -5.17 8.14 10.80
C GLY A 346 -5.16 6.81 10.07
N LEU A 347 -6.28 6.51 9.42
CA LEU A 347 -6.47 5.21 8.74
C LEU A 347 -5.64 5.08 7.48
N TYR A 348 -5.56 6.17 6.73
CA TYR A 348 -5.18 6.15 5.33
C TYR A 348 -3.73 5.77 5.06
N ASP A 349 -2.80 6.63 5.45
CA ASP A 349 -1.39 6.32 5.21
C ASP A 349 -0.87 5.20 6.07
N ARG A 350 -1.55 4.92 7.16
CA ARG A 350 -1.28 3.72 7.88
C ARG A 350 -1.70 2.54 7.03
N ALA A 351 -2.88 2.62 6.42
CA ALA A 351 -3.32 1.53 5.52
C ALA A 351 -2.42 1.40 4.29
N LEU A 352 -2.10 2.53 3.62
CA LEU A 352 -1.15 2.54 2.49
C LEU A 352 0.20 1.96 2.94
N GLY A 353 0.43 1.94 4.24
CA GLY A 353 1.66 1.40 4.75
C GLY A 353 1.57 -0.10 4.62
N ALA A 354 0.45 -0.62 5.11
CA ALA A 354 0.28 -2.05 5.30
C ALA A 354 0.39 -2.79 3.99
N THR A 355 -0.29 -2.30 2.95
CA THR A 355 -0.27 -3.01 1.68
C THR A 355 1.04 -2.83 0.92
N TYR A 356 1.78 -1.76 1.23
CA TYR A 356 3.18 -1.70 0.82
C TYR A 356 3.98 -2.85 1.43
N PHE A 357 3.67 -3.20 2.70
CA PHE A 357 4.37 -4.30 3.36
C PHE A 357 3.91 -5.66 2.85
N ASN A 358 2.62 -5.78 2.55
CA ASN A 358 2.11 -6.95 1.83
C ASN A 358 3.01 -7.27 0.62
N GLY A 359 3.21 -6.26 -0.22
CA GLY A 359 3.98 -6.39 -1.44
C GLY A 359 5.43 -6.71 -1.20
N LEU A 360 6.06 -5.97 -0.27
CA LEU A 360 7.45 -6.25 0.16
C LEU A 360 7.61 -7.69 0.69
N TYR A 361 6.70 -8.13 1.57
CA TYR A 361 6.68 -9.51 2.07
C TYR A 361 6.54 -10.55 0.95
N GLU A 362 5.35 -10.61 0.33
CA GLU A 362 5.11 -11.50 -0.82
C GLU A 362 6.30 -11.60 -1.76
N ALA A 363 6.81 -10.48 -2.22
CA ALA A 363 7.84 -10.52 -3.24
C ALA A 363 9.08 -11.18 -2.71
N ASN A 364 9.33 -11.02 -1.42
CA ASN A 364 10.50 -11.62 -0.79
C ASN A 364 10.40 -13.13 -0.55
N MET A 365 9.24 -13.55 -0.05
CA MET A 365 8.93 -14.96 0.12
C MET A 365 9.10 -15.74 -1.19
N ARG A 366 8.65 -15.20 -2.30
CA ARG A 366 8.82 -15.91 -3.56
C ARG A 366 10.25 -15.82 -4.00
N ALA A 367 10.95 -14.76 -3.65
CA ALA A 367 12.33 -14.62 -4.09
C ALA A 367 13.18 -15.67 -3.39
N ALA A 368 12.65 -16.20 -2.28
CA ALA A 368 13.31 -17.23 -1.51
C ALA A 368 12.92 -18.65 -1.99
N GLY A 369 11.61 -18.91 -2.08
CA GLY A 369 11.09 -20.22 -2.42
C GLY A 369 9.96 -20.53 -1.47
N LYS A 370 9.96 -19.85 -0.34
CA LYS A 370 8.85 -19.97 0.60
C LYS A 370 7.57 -19.41 -0.03
N THR A 371 6.42 -19.72 0.57
CA THR A 371 5.13 -19.28 0.05
C THR A 371 4.43 -18.38 1.09
N PRO A 372 3.99 -17.18 0.67
CA PRO A 372 3.45 -16.17 1.56
C PRO A 372 2.08 -16.59 2.07
N ASP A 373 1.49 -15.77 2.92
CA ASP A 373 0.15 -16.05 3.37
C ASP A 373 -0.48 -14.82 3.98
N PHE A 374 -1.76 -14.62 3.74
CA PHE A 374 -2.47 -13.53 4.38
C PHE A 374 -3.75 -14.09 4.96
N GLY A 375 -4.62 -13.22 5.47
CA GLY A 375 -5.82 -13.66 6.22
C GLY A 375 -6.81 -14.54 5.47
N ILE A 376 -6.36 -15.06 4.33
CA ILE A 376 -7.19 -15.39 3.17
C ILE A 376 -7.71 -16.83 3.04
N LYS A 377 -9.01 -16.97 3.31
CA LYS A 377 -9.73 -18.23 3.19
C LYS A 377 -10.45 -18.32 1.84
N ALA A 378 -11.52 -17.55 1.72
CA ALA A 378 -12.35 -17.52 0.55
C ALA A 378 -12.01 -16.29 -0.31
N LYS A 379 -11.74 -16.52 -1.59
CA LYS A 379 -11.64 -15.44 -2.59
C LYS A 379 -13.01 -14.75 -2.74
N THR A 380 -14.07 -15.54 -2.69
CA THR A 380 -15.43 -15.05 -2.91
C THR A 380 -16.49 -15.66 -1.99
N VAL A 381 -17.61 -14.94 -1.80
CA VAL A 381 -18.76 -15.43 -1.01
C VAL A 381 -19.61 -16.48 -1.77
N GLY B 18 17.72 -0.18 -19.49
CA GLY B 18 17.44 -0.76 -18.13
C GLY B 18 16.11 -0.27 -17.58
N SER B 19 15.52 -1.05 -16.68
CA SER B 19 14.17 -0.85 -16.12
C SER B 19 13.80 0.60 -15.80
N HIS B 20 12.51 0.93 -15.89
CA HIS B 20 11.97 2.29 -15.57
C HIS B 20 10.44 2.33 -15.55
N MET B 21 9.87 1.94 -14.40
CA MET B 21 8.43 1.86 -14.23
C MET B 21 7.90 3.03 -13.43
N LYS B 22 7.16 3.91 -14.09
CA LYS B 22 6.50 5.08 -13.44
C LYS B 22 5.09 4.75 -12.90
N MET B 23 4.98 4.48 -11.61
CA MET B 23 3.69 4.38 -10.96
C MET B 23 2.69 5.50 -11.37
N SER B 24 1.51 5.08 -11.81
CA SER B 24 0.52 6.00 -12.38
C SER B 24 -0.88 5.79 -11.83
N PHE B 25 -1.71 6.84 -11.94
CA PHE B 25 -3.07 6.85 -11.44
C PHE B 25 -4.03 7.42 -12.50
N ARG B 26 -5.27 6.93 -12.56
CA ARG B 26 -6.24 7.54 -13.49
C ARG B 26 -6.93 8.71 -12.85
N TRP B 27 -7.11 9.76 -13.63
CA TRP B 27 -7.72 11.03 -13.19
C TRP B 27 -8.59 11.61 -14.30
N TYR B 28 -9.87 11.84 -14.02
CA TYR B 28 -10.78 12.23 -15.07
C TYR B 28 -10.78 13.73 -15.39
N GLY B 29 -9.98 14.50 -14.67
CA GLY B 29 -9.86 15.92 -14.93
C GLY B 29 -10.73 16.75 -14.03
N LYS B 30 -10.83 18.06 -14.32
CA LYS B 30 -11.53 19.04 -13.45
C LYS B 30 -12.67 18.51 -12.58
N LYS B 31 -13.56 17.72 -13.17
CA LYS B 31 -14.71 17.21 -12.46
C LYS B 31 -14.45 15.84 -11.80
N ASP B 32 -13.25 15.59 -11.26
CA ASP B 32 -13.04 14.28 -10.63
C ASP B 32 -13.29 14.43 -9.16
N PRO B 33 -14.11 13.53 -8.63
CA PRO B 33 -14.25 13.28 -7.19
C PRO B 33 -12.88 13.36 -6.54
N VAL B 34 -11.93 12.54 -7.01
CA VAL B 34 -10.57 12.53 -6.48
C VAL B 34 -9.67 13.59 -7.10
N THR B 35 -8.84 14.24 -6.29
CA THR B 35 -8.06 15.38 -6.77
C THR B 35 -6.58 15.08 -6.86
N LEU B 36 -5.88 15.97 -7.57
CA LEU B 36 -4.47 15.80 -7.85
C LEU B 36 -3.67 15.90 -6.54
N GLU B 37 -4.06 16.82 -5.66
CA GLU B 37 -3.49 16.90 -4.29
C GLU B 37 -3.44 15.48 -3.73
N GLU B 38 -4.54 14.74 -3.86
CA GLU B 38 -4.65 13.44 -3.24
C GLU B 38 -3.84 12.37 -3.97
N ILE B 39 -3.89 12.41 -5.29
CA ILE B 39 -3.13 11.50 -6.11
C ILE B 39 -1.63 11.63 -5.83
N LYS B 40 -1.13 12.87 -5.85
CA LYS B 40 0.24 13.22 -5.46
C LYS B 40 0.71 12.64 -4.09
N ALA B 41 -0.19 12.60 -3.12
CA ALA B 41 0.10 12.03 -1.81
C ALA B 41 0.26 10.53 -1.81
N ILE B 42 0.09 9.87 -2.95
CA ILE B 42 0.27 8.43 -2.97
C ILE B 42 1.74 8.16 -3.12
N PRO B 43 2.34 7.50 -2.12
CA PRO B 43 3.79 7.39 -2.10
C PRO B 43 4.28 6.78 -3.42
N GLY B 44 5.16 7.46 -4.14
CA GLY B 44 5.69 6.90 -5.37
C GLY B 44 4.92 7.19 -6.65
N MET B 45 3.78 7.88 -6.52
CA MET B 45 2.95 8.23 -7.69
C MET B 45 3.72 9.16 -8.61
N GLN B 46 3.81 8.85 -9.91
CA GLN B 46 4.50 9.76 -10.87
C GLN B 46 3.63 10.20 -12.07
N GLY B 47 2.90 9.26 -12.68
CA GLY B 47 2.09 9.55 -13.84
C GLY B 47 0.61 9.72 -13.59
N ILE B 48 0.03 10.65 -14.33
CA ILE B 48 -1.41 10.82 -14.42
C ILE B 48 -1.83 10.28 -15.76
N VAL B 49 -2.85 9.44 -15.72
CA VAL B 49 -3.35 8.78 -16.89
C VAL B 49 -4.74 9.39 -17.12
N THR B 50 -4.91 10.10 -18.23
CA THR B 50 -6.12 10.88 -18.41
C THR B 50 -6.56 11.07 -19.89
N ALA B 51 -7.55 11.91 -20.11
CA ALA B 51 -8.12 12.11 -21.42
C ALA B 51 -8.74 13.49 -21.55
N VAL B 52 -9.02 13.89 -22.79
CA VAL B 52 -9.88 15.05 -23.10
C VAL B 52 -11.35 14.58 -23.10
N TYR B 53 -12.20 15.24 -22.30
CA TYR B 53 -13.61 14.86 -22.20
C TYR B 53 -14.64 15.86 -22.75
N ASP B 54 -14.21 16.98 -23.31
CA ASP B 54 -15.18 17.93 -23.91
C ASP B 54 -15.40 17.80 -25.46
N VAL B 55 -14.70 16.88 -26.09
CA VAL B 55 -14.78 16.68 -27.54
C VAL B 55 -15.47 15.34 -27.79
N PRO B 56 -16.59 15.39 -28.56
CA PRO B 56 -17.40 14.22 -28.84
C PRO B 56 -16.56 13.08 -29.42
N VAL B 57 -17.01 11.85 -29.24
CA VAL B 57 -16.30 10.71 -29.80
C VAL B 57 -16.26 10.80 -31.32
N GLY B 58 -15.07 10.59 -31.88
CA GLY B 58 -14.79 10.67 -33.33
C GLY B 58 -14.35 12.05 -33.84
N GLN B 59 -14.10 12.98 -32.93
CA GLN B 59 -14.10 14.35 -33.39
C GLN B 59 -12.82 15.21 -33.32
N ALA B 60 -11.72 14.69 -32.77
CA ALA B 60 -10.44 15.38 -32.91
C ALA B 60 -10.15 16.31 -31.78
N TRP B 61 -9.16 15.93 -31.00
CA TRP B 61 -8.73 16.70 -29.86
C TRP B 61 -7.78 17.84 -30.27
N PRO B 62 -8.13 19.09 -29.90
CA PRO B 62 -7.24 20.22 -30.08
C PRO B 62 -6.14 20.24 -29.05
N LEU B 63 -5.05 20.92 -29.38
CA LEU B 63 -3.91 21.03 -28.50
C LEU B 63 -4.20 21.72 -27.16
N GLU B 64 -5.04 22.76 -27.18
CA GLU B 64 -5.37 23.49 -25.95
C GLU B 64 -6.08 22.59 -24.94
N ASN B 65 -7.14 21.88 -25.34
CA ASN B 65 -7.75 20.92 -24.44
C ASN B 65 -6.70 20.15 -23.68
N ILE B 66 -5.80 19.49 -24.43
CA ILE B 66 -4.65 18.69 -23.95
C ILE B 66 -3.65 19.46 -23.06
N LEU B 67 -3.33 20.69 -23.42
CA LEU B 67 -2.33 21.41 -22.63
C LEU B 67 -2.93 21.97 -21.33
N GLU B 68 -4.25 22.13 -21.31
CA GLU B 68 -5.01 22.52 -20.12
C GLU B 68 -4.84 21.44 -19.05
N LEU B 69 -5.07 20.19 -19.44
CA LEU B 69 -4.93 19.04 -18.54
C LEU B 69 -3.49 18.94 -18.05
N LYS B 70 -2.55 19.19 -18.96
CA LYS B 70 -1.13 19.02 -18.68
C LYS B 70 -0.67 20.07 -17.68
N LYS B 71 -1.10 21.31 -17.89
CA LYS B 71 -0.73 22.41 -17.02
C LYS B 71 -1.21 22.09 -15.61
N MET B 72 -2.47 21.67 -15.48
CA MET B 72 -3.00 21.29 -14.18
C MET B 72 -2.13 20.20 -13.53
N VAL B 73 -1.96 19.09 -14.27
CA VAL B 73 -1.22 17.91 -13.81
C VAL B 73 0.22 18.25 -13.40
N GLU B 74 0.87 19.13 -14.16
CA GLU B 74 2.28 19.44 -13.90
C GLU B 74 2.46 20.38 -12.71
N GLU B 75 1.49 21.26 -12.49
CA GLU B 75 1.48 22.16 -11.33
C GLU B 75 1.35 21.39 -10.06
N ALA B 76 0.54 20.34 -10.10
CA ALA B 76 0.37 19.41 -9.00
C ALA B 76 1.67 18.66 -8.65
N GLY B 77 2.64 18.73 -9.54
CA GLY B 77 3.95 18.11 -9.35
C GLY B 77 4.03 16.69 -9.90
N LEU B 78 3.40 16.51 -11.06
CA LEU B 78 3.22 15.22 -11.71
C LEU B 78 3.25 15.44 -13.22
N GLU B 79 3.04 14.37 -13.98
CA GLU B 79 3.09 14.40 -15.43
C GLU B 79 2.12 13.37 -16.00
N ILE B 80 1.54 13.71 -17.14
CA ILE B 80 0.70 12.80 -17.87
C ILE B 80 1.59 11.87 -18.70
N THR B 81 1.47 10.57 -18.47
CA THR B 81 2.35 9.62 -19.10
C THR B 81 1.61 8.75 -20.11
N VAL B 82 0.29 8.86 -20.10
CA VAL B 82 -0.54 8.02 -20.92
C VAL B 82 -1.84 8.78 -21.11
N ILE B 83 -2.27 8.96 -22.35
CA ILE B 83 -3.63 9.42 -22.58
C ILE B 83 -4.43 8.16 -22.54
N GLU B 84 -5.26 7.97 -21.52
CA GLU B 84 -6.13 6.84 -21.59
C GLU B 84 -7.42 7.14 -22.27
N SER B 85 -7.30 6.94 -23.57
CA SER B 85 -8.33 6.69 -24.54
C SER B 85 -8.60 7.94 -25.31
N ILE B 86 -8.08 7.90 -26.54
CA ILE B 86 -8.60 8.66 -27.62
C ILE B 86 -9.56 7.64 -28.15
N PRO B 87 -10.87 7.84 -27.89
CA PRO B 87 -11.96 6.92 -28.24
C PRO B 87 -12.13 6.65 -29.74
N VAL B 88 -12.40 5.38 -30.08
CA VAL B 88 -12.63 4.95 -31.47
C VAL B 88 -14.13 4.96 -31.83
N HIS B 89 -14.49 5.80 -32.82
CA HIS B 89 -15.90 6.00 -33.26
C HIS B 89 -16.44 4.70 -33.77
N GLU B 90 -17.64 4.32 -33.33
CA GLU B 90 -18.20 3.02 -33.71
C GLU B 90 -18.20 2.87 -35.23
N ASP B 91 -18.46 3.96 -35.95
CA ASP B 91 -18.36 3.92 -37.41
C ASP B 91 -17.04 3.25 -37.87
N ILE B 92 -15.90 3.77 -37.40
CA ILE B 92 -14.59 3.14 -37.64
C ILE B 92 -14.65 1.63 -37.30
N LYS B 93 -15.02 1.30 -36.07
CA LYS B 93 -15.14 -0.12 -35.63
C LYS B 93 -16.08 -0.95 -36.50
N GLN B 94 -17.20 -0.31 -36.88
CA GLN B 94 -18.24 -0.88 -37.75
C GLN B 94 -17.78 -1.11 -39.19
N GLY B 95 -16.70 -0.43 -39.60
CA GLY B 95 -16.18 -0.52 -40.96
C GLY B 95 -16.97 0.26 -41.99
N LYS B 96 -17.76 1.24 -41.54
CA LYS B 96 -18.58 2.05 -42.45
C LYS B 96 -17.74 3.03 -43.32
N PRO B 97 -17.97 3.01 -44.65
CA PRO B 97 -17.55 3.93 -45.71
C PRO B 97 -16.99 5.32 -45.33
N ASN B 98 -17.60 5.96 -44.34
CA ASN B 98 -17.17 7.31 -43.93
C ASN B 98 -15.99 7.33 -42.94
N ARG B 99 -15.50 6.13 -42.61
CA ARG B 99 -14.47 5.95 -41.58
C ARG B 99 -13.35 6.94 -41.75
N ASP B 100 -12.71 6.93 -42.92
CA ASP B 100 -11.58 7.79 -43.23
C ASP B 100 -11.72 9.16 -42.60
N ALA B 101 -12.91 9.74 -42.65
CA ALA B 101 -13.21 11.02 -41.98
C ALA B 101 -12.95 10.99 -40.49
N LEU B 102 -13.49 9.97 -39.84
CA LEU B 102 -13.24 9.77 -38.43
C LEU B 102 -11.75 9.46 -38.16
N ILE B 103 -11.13 8.68 -39.05
CA ILE B 103 -9.74 8.25 -38.90
C ILE B 103 -8.80 9.42 -39.02
N GLU B 104 -9.11 10.37 -39.91
CA GLU B 104 -8.25 11.54 -40.10
C GLU B 104 -8.26 12.38 -38.83
N ASN B 105 -9.41 12.38 -38.15
CA ASN B 105 -9.54 13.03 -36.84
C ASN B 105 -8.71 12.34 -35.77
N TYR B 106 -8.75 10.99 -35.76
CA TYR B 106 -7.84 10.24 -34.88
C TYR B 106 -6.38 10.68 -35.10
N LYS B 107 -5.97 10.71 -36.37
CA LYS B 107 -4.64 11.16 -36.74
C LYS B 107 -4.28 12.55 -36.15
N THR B 108 -5.27 13.43 -36.03
CA THR B 108 -5.04 14.79 -35.50
C THR B 108 -4.77 14.72 -34.00
N SER B 109 -5.69 14.05 -33.30
CA SER B 109 -5.58 13.76 -31.87
C SER B 109 -4.21 13.13 -31.53
N ILE B 110 -3.81 12.08 -32.27
CA ILE B 110 -2.45 11.50 -32.17
C ILE B 110 -1.36 12.56 -32.31
N ARG B 111 -1.45 13.31 -33.40
CA ARG B 111 -0.50 14.34 -33.69
C ARG B 111 -0.47 15.30 -32.51
N ASN B 112 -1.67 15.70 -32.05
CA ASN B 112 -1.77 16.62 -30.92
C ASN B 112 -1.19 16.08 -29.61
N VAL B 113 -1.39 14.81 -29.29
CA VAL B 113 -0.79 14.27 -28.08
C VAL B 113 0.76 14.22 -28.14
N GLY B 114 1.30 13.79 -29.27
CA GLY B 114 2.75 13.82 -29.46
C GLY B 114 3.25 15.25 -29.27
N ALA B 115 2.35 16.19 -29.56
CA ALA B 115 2.65 17.60 -29.48
C ALA B 115 2.77 18.08 -28.03
N ALA B 116 2.03 17.42 -27.15
CA ALA B 116 2.04 17.75 -25.72
C ALA B 116 3.13 16.99 -24.98
N GLY B 117 3.84 16.09 -25.67
CA GLY B 117 4.91 15.31 -25.06
C GLY B 117 4.45 14.07 -24.28
N ILE B 118 3.23 13.59 -24.56
CA ILE B 118 2.71 12.41 -23.89
C ILE B 118 3.04 11.14 -24.69
N PRO B 119 3.78 10.20 -24.04
CA PRO B 119 4.44 9.14 -24.81
C PRO B 119 3.52 8.10 -25.39
N VAL B 120 2.40 7.87 -24.73
CA VAL B 120 1.57 6.73 -25.05
C VAL B 120 0.11 7.12 -25.24
N VAL B 121 -0.53 6.51 -26.21
CA VAL B 121 -1.99 6.59 -26.32
C VAL B 121 -2.60 5.19 -26.16
N CYS B 122 -3.75 5.15 -25.49
CA CYS B 122 -4.38 3.88 -25.11
C CYS B 122 -5.82 3.86 -25.61
N TYR B 123 -6.19 2.80 -26.30
CA TYR B 123 -7.45 2.74 -27.01
C TYR B 123 -8.00 1.30 -27.01
N ASN B 124 -9.31 1.14 -27.19
CA ASN B 124 -9.93 -0.19 -27.41
C ASN B 124 -10.51 -0.31 -28.83
N PHE B 125 -10.89 -1.53 -29.22
CA PHE B 125 -11.60 -1.70 -30.48
C PHE B 125 -12.73 -2.62 -30.13
N MET B 126 -13.51 -2.19 -29.16
CA MET B 126 -14.56 -3.02 -28.62
C MET B 126 -15.89 -2.43 -29.02
N PRO B 127 -16.71 -3.21 -29.76
CA PRO B 127 -17.95 -2.79 -30.39
C PRO B 127 -19.06 -2.46 -29.40
N VAL B 128 -19.60 -1.24 -29.54
CA VAL B 128 -20.69 -0.66 -28.74
C VAL B 128 -20.58 -0.70 -27.22
N PHE B 129 -19.87 -1.69 -26.69
CA PHE B 129 -19.62 -1.76 -25.24
C PHE B 129 -18.14 -1.64 -24.91
N ASP B 130 -17.82 -0.89 -23.87
CA ASP B 130 -16.45 -0.79 -23.39
C ASP B 130 -16.17 -1.86 -22.36
N TRP B 131 -17.17 -2.18 -21.55
CA TRP B 131 -17.02 -3.21 -20.53
C TRP B 131 -18.38 -3.80 -20.17
N THR B 132 -18.39 -5.01 -19.61
CA THR B 132 -19.65 -5.52 -19.12
C THR B 132 -19.51 -5.96 -17.66
N ARG B 133 -20.45 -5.48 -16.85
CA ARG B 133 -20.55 -5.86 -15.46
C ARG B 133 -22.04 -6.08 -15.09
N SER B 134 -22.34 -7.28 -14.56
CA SER B 134 -23.68 -7.64 -14.08
C SER B 134 -24.07 -7.02 -12.74
N ASP B 135 -23.13 -7.05 -11.78
CA ASP B 135 -23.31 -6.43 -10.45
C ASP B 135 -22.22 -5.38 -10.15
N LEU B 136 -22.62 -4.18 -9.72
CA LEU B 136 -21.68 -3.09 -9.43
C LEU B 136 -21.38 -2.92 -7.95
N HIS B 137 -21.93 -3.82 -7.14
CA HIS B 137 -21.82 -3.77 -5.66
C HIS B 137 -21.87 -5.18 -5.05
N HIS B 138 -21.32 -6.16 -5.77
CA HIS B 138 -21.27 -7.53 -5.33
C HIS B 138 -20.40 -7.60 -4.08
N PRO B 139 -20.94 -8.14 -2.96
CA PRO B 139 -20.14 -8.31 -1.73
C PRO B 139 -18.93 -9.24 -1.86
N LEU B 140 -17.93 -8.99 -1.03
CA LEU B 140 -16.70 -9.79 -0.96
C LEU B 140 -16.54 -10.37 0.46
N PRO B 141 -15.76 -11.46 0.61
CA PRO B 141 -15.53 -12.04 1.93
C PRO B 141 -14.83 -11.14 2.95
N ASP B 142 -15.35 -9.93 3.21
CA ASP B 142 -14.76 -8.94 4.15
C ASP B 142 -15.53 -7.62 4.31
N GLY B 143 -16.61 -7.45 3.56
CA GLY B 143 -17.53 -6.31 3.73
C GLY B 143 -17.45 -5.27 2.62
N SER B 144 -16.31 -5.23 1.94
CA SER B 144 -16.12 -4.33 0.81
C SER B 144 -16.96 -4.84 -0.34
N THR B 145 -17.51 -3.92 -1.15
CA THR B 145 -18.20 -4.27 -2.40
C THR B 145 -17.21 -4.27 -3.56
N SER B 146 -17.67 -4.58 -4.77
CA SER B 146 -16.84 -4.58 -5.96
C SER B 146 -17.70 -4.99 -7.13
N LEU B 147 -17.13 -4.98 -8.34
CA LEU B 147 -17.87 -5.36 -9.53
C LEU B 147 -17.59 -6.79 -9.88
N ALA B 148 -18.59 -7.46 -10.46
CA ALA B 148 -18.43 -8.83 -11.00
C ALA B 148 -19.26 -9.06 -12.26
N PHE B 149 -18.97 -10.16 -12.94
CA PHE B 149 -19.64 -10.55 -14.18
C PHE B 149 -20.27 -11.90 -13.95
N LEU B 150 -21.56 -11.87 -13.65
CA LEU B 150 -22.28 -13.08 -13.30
C LEU B 150 -22.77 -13.83 -14.52
N LYS B 151 -21.96 -14.81 -14.96
CA LYS B 151 -22.23 -15.53 -16.22
C LYS B 151 -23.65 -16.07 -16.27
N SER B 152 -24.24 -16.31 -15.09
CA SER B 152 -25.65 -16.66 -14.97
C SER B 152 -26.54 -15.42 -15.07
N ASP B 153 -26.65 -14.68 -13.97
CA ASP B 153 -27.53 -13.52 -13.80
C ASP B 153 -27.73 -12.64 -15.01
N LEU B 154 -28.98 -12.26 -15.22
CA LEU B 154 -29.47 -11.51 -16.39
C LEU B 154 -29.06 -12.13 -17.76
N ALA B 155 -27.77 -12.48 -17.89
CA ALA B 155 -27.14 -12.97 -19.13
C ALA B 155 -28.03 -13.84 -20.02
N GLY B 156 -28.03 -13.46 -21.30
CA GLY B 156 -28.93 -14.01 -22.31
C GLY B 156 -30.16 -13.13 -22.49
N VAL B 157 -29.94 -11.82 -22.69
CA VAL B 157 -31.02 -10.85 -23.01
C VAL B 157 -30.45 -9.66 -23.82
N ASP B 158 -31.21 -9.20 -24.83
CA ASP B 158 -30.84 -7.98 -25.55
C ASP B 158 -30.79 -6.79 -24.59
N PRO B 159 -29.68 -6.03 -24.58
CA PRO B 159 -29.57 -4.77 -23.84
C PRO B 159 -30.59 -3.71 -24.28
N VAL B 160 -31.46 -3.34 -23.35
CA VAL B 160 -32.55 -2.40 -23.60
C VAL B 160 -32.21 -0.96 -23.15
N ALA B 180 -29.57 0.13 -33.62
CA ALA B 180 -29.32 -0.10 -35.05
C ALA B 180 -27.96 -0.76 -35.21
N ILE B 181 -26.97 -0.12 -34.57
CA ILE B 181 -25.58 -0.59 -34.48
C ILE B 181 -25.46 -2.08 -34.04
N ILE B 182 -26.14 -2.45 -32.96
CA ILE B 182 -26.01 -3.79 -32.46
C ILE B 182 -26.45 -4.81 -33.52
N GLU B 183 -27.57 -4.52 -34.17
CA GLU B 183 -28.13 -5.46 -35.13
C GLU B 183 -27.21 -5.60 -36.33
N ASN B 184 -26.68 -4.46 -36.78
CA ASN B 184 -25.61 -4.43 -37.76
C ASN B 184 -24.51 -5.46 -37.44
N TYR B 185 -23.92 -5.35 -36.24
CA TYR B 185 -22.84 -6.25 -35.79
C TYR B 185 -23.32 -7.71 -35.72
N ARG B 186 -24.51 -7.88 -35.14
CA ARG B 186 -25.06 -9.20 -34.89
C ARG B 186 -25.29 -9.89 -36.21
N GLN B 187 -25.81 -9.13 -37.18
CA GLN B 187 -26.29 -9.69 -38.44
C GLN B 187 -25.18 -9.85 -39.49
N ASN B 188 -24.46 -8.77 -39.75
CA ASN B 188 -23.48 -8.72 -40.82
C ASN B 188 -22.03 -9.05 -40.38
N ILE B 189 -21.41 -8.11 -39.67
CA ILE B 189 -19.97 -8.12 -39.30
C ILE B 189 -19.42 -9.29 -38.48
N SER B 190 -18.57 -10.09 -39.10
CA SER B 190 -17.99 -11.23 -38.38
C SER B 190 -16.76 -10.80 -37.60
N GLU B 191 -16.13 -11.77 -36.90
CA GLU B 191 -14.93 -11.50 -36.12
C GLU B 191 -13.79 -11.12 -37.05
N GLU B 192 -13.76 -11.79 -38.21
CA GLU B 192 -12.73 -11.58 -39.22
C GLU B 192 -13.04 -10.36 -40.05
N ASP B 193 -14.32 -9.96 -40.07
CA ASP B 193 -14.69 -8.65 -40.59
C ASP B 193 -14.12 -7.58 -39.66
N LEU B 194 -14.03 -7.91 -38.38
CA LEU B 194 -13.56 -6.95 -37.40
C LEU B 194 -12.05 -6.92 -37.47
N TRP B 195 -11.43 -8.06 -37.78
CA TRP B 195 -9.98 -8.13 -37.90
C TRP B 195 -9.46 -7.27 -39.05
N ALA B 196 -10.28 -7.16 -40.09
CA ALA B 196 -9.93 -6.43 -41.29
C ALA B 196 -10.29 -4.95 -41.10
N ASN B 197 -11.44 -4.68 -40.48
CA ASN B 197 -11.83 -3.34 -40.04
C ASN B 197 -10.76 -2.67 -39.17
N LEU B 198 -10.22 -3.47 -38.25
CA LEU B 198 -9.19 -3.08 -37.30
C LEU B 198 -7.83 -2.90 -37.94
N GLU B 199 -7.39 -3.85 -38.77
CA GLU B 199 -6.15 -3.66 -39.47
C GLU B 199 -6.18 -2.39 -40.33
N TYR B 200 -7.32 -2.13 -40.98
CA TYR B 200 -7.48 -0.93 -41.77
C TYR B 200 -7.13 0.22 -40.85
N PHE B 201 -7.73 0.22 -39.67
CA PHE B 201 -7.52 1.28 -38.71
C PHE B 201 -6.03 1.48 -38.37
N ILE B 202 -5.41 0.46 -37.80
CA ILE B 202 -4.06 0.65 -37.35
C ILE B 202 -3.13 0.90 -38.53
N LYS B 203 -3.49 0.42 -39.72
CA LYS B 203 -2.67 0.75 -40.89
C LYS B 203 -2.77 2.22 -41.26
N ALA B 204 -3.88 2.85 -40.85
CA ALA B 204 -4.12 4.24 -41.21
C ALA B 204 -3.43 5.19 -40.26
N ILE B 205 -3.42 4.81 -38.98
CA ILE B 205 -2.92 5.71 -37.94
C ILE B 205 -1.44 5.54 -37.61
N LEU B 206 -0.92 4.29 -37.62
CA LEU B 206 0.49 4.05 -37.26
C LEU B 206 1.57 4.99 -37.83
N PRO B 207 1.68 5.15 -39.17
CA PRO B 207 2.70 6.14 -39.52
C PRO B 207 2.53 7.50 -38.82
N THR B 208 1.29 7.98 -38.69
CA THR B 208 1.06 9.21 -37.91
C THR B 208 1.59 9.05 -36.49
N ALA B 209 1.37 7.88 -35.90
CA ALA B 209 1.79 7.64 -34.51
C ALA B 209 3.30 7.73 -34.37
N GLU B 210 3.99 7.38 -35.47
CA GLU B 210 5.44 7.18 -35.47
C GLU B 210 6.12 8.52 -35.55
N GLU B 211 5.56 9.41 -36.35
CA GLU B 211 6.14 10.72 -36.55
C GLU B 211 5.89 11.60 -35.34
N ALA B 212 4.72 11.46 -34.73
CA ALA B 212 4.45 12.11 -33.43
C ALA B 212 5.32 11.57 -32.34
N GLY B 213 5.83 10.37 -32.57
CA GLY B 213 6.54 9.64 -31.54
C GLY B 213 5.60 9.29 -30.41
N VAL B 214 4.44 8.73 -30.76
CA VAL B 214 3.45 8.25 -29.78
C VAL B 214 3.31 6.71 -29.89
N LYS B 215 3.51 5.99 -28.79
CA LYS B 215 3.28 4.54 -28.74
C LYS B 215 1.81 4.20 -28.51
N MET B 216 1.13 3.62 -29.50
CA MET B 216 -0.22 3.02 -29.33
C MET B 216 -0.22 1.78 -28.42
N ALA B 217 -1.28 1.63 -27.65
CA ALA B 217 -1.39 0.49 -26.76
C ALA B 217 -2.80 0.02 -26.75
N ILE B 218 -3.10 -1.08 -27.44
CA ILE B 218 -4.48 -1.51 -27.55
C ILE B 218 -4.93 -2.21 -26.28
N HIS B 219 -6.06 -1.75 -25.77
CA HIS B 219 -6.67 -2.32 -24.59
C HIS B 219 -7.51 -3.56 -24.93
N PRO B 220 -7.24 -4.71 -24.29
CA PRO B 220 -8.03 -5.94 -24.52
C PRO B 220 -9.53 -5.72 -24.38
N ASP B 221 -10.31 -6.63 -24.96
CA ASP B 221 -11.76 -6.59 -24.79
C ASP B 221 -12.08 -7.10 -23.39
N ASP B 222 -13.20 -6.64 -22.82
CA ASP B 222 -13.48 -6.74 -21.37
C ASP B 222 -14.97 -6.95 -21.04
N PRO B 223 -15.40 -8.21 -20.88
CA PRO B 223 -14.63 -9.44 -20.78
C PRO B 223 -14.03 -9.82 -22.12
N PRO B 224 -12.96 -10.61 -22.12
CA PRO B 224 -12.25 -10.91 -23.35
C PRO B 224 -12.91 -12.02 -24.15
N TYR B 225 -14.21 -11.84 -24.44
CA TYR B 225 -15.01 -12.79 -25.22
C TYR B 225 -16.36 -12.24 -25.69
N GLY B 226 -16.89 -12.87 -26.73
CA GLY B 226 -18.20 -12.54 -27.28
C GLY B 226 -19.29 -12.54 -26.22
N ILE B 227 -20.00 -11.43 -26.11
CA ILE B 227 -21.29 -11.41 -25.45
C ILE B 227 -22.31 -10.74 -26.36
N PHE B 228 -23.59 -10.83 -25.97
CA PHE B 228 -24.69 -10.05 -26.54
C PHE B 228 -24.88 -10.21 -28.05
N GLY B 229 -24.13 -11.13 -28.64
CA GLY B 229 -24.16 -11.31 -30.10
C GLY B 229 -23.11 -10.44 -30.77
N LEU B 230 -22.47 -9.59 -29.98
CA LEU B 230 -21.37 -8.75 -30.45
C LEU B 230 -20.11 -9.59 -30.53
N PRO B 231 -19.19 -9.22 -31.45
CA PRO B 231 -17.92 -9.95 -31.52
C PRO B 231 -16.82 -9.24 -30.72
N ARG B 232 -15.81 -10.01 -30.31
CA ARG B 232 -14.63 -9.49 -29.67
C ARG B 232 -13.45 -10.17 -30.32
N ILE B 233 -12.38 -9.44 -30.62
CA ILE B 233 -11.22 -10.13 -31.17
C ILE B 233 -9.91 -10.03 -30.41
N ILE B 234 -9.77 -9.01 -29.56
CA ILE B 234 -8.55 -8.82 -28.74
C ILE B 234 -8.71 -9.55 -27.41
N THR B 235 -8.50 -10.86 -27.41
CA THR B 235 -8.99 -11.70 -26.32
C THR B 235 -8.00 -12.71 -25.73
N GLY B 236 -6.80 -12.79 -26.28
CA GLY B 236 -5.90 -13.80 -25.80
C GLY B 236 -4.61 -13.81 -26.55
N GLN B 237 -3.82 -14.84 -26.31
CA GLN B 237 -2.45 -14.88 -26.81
C GLN B 237 -2.40 -14.81 -28.32
N GLU B 238 -3.22 -15.67 -28.94
CA GLU B 238 -3.24 -15.81 -30.38
C GLU B 238 -3.59 -14.46 -31.00
N ALA B 239 -4.56 -13.76 -30.42
CA ALA B 239 -4.92 -12.43 -30.91
C ALA B 239 -3.85 -11.33 -30.68
N VAL B 240 -3.25 -11.26 -29.48
CA VAL B 240 -2.12 -10.36 -29.26
C VAL B 240 -1.06 -10.59 -30.35
N GLU B 241 -0.84 -11.85 -30.70
CA GLU B 241 0.15 -12.20 -31.70
C GLU B 241 -0.25 -11.78 -33.10
N ARG B 242 -1.52 -12.00 -33.46
CA ARG B 242 -2.02 -11.55 -34.76
C ARG B 242 -2.07 -10.02 -34.84
N PHE B 243 -2.44 -9.39 -33.71
CA PHE B 243 -2.57 -7.94 -33.67
C PHE B 243 -1.25 -7.20 -33.84
N LEU B 244 -0.22 -7.65 -33.14
CA LEU B 244 1.08 -6.98 -33.17
C LEU B 244 1.57 -7.02 -34.58
N ASN B 245 1.32 -8.18 -35.19
CA ASN B 245 1.68 -8.51 -36.55
C ASN B 245 1.00 -7.67 -37.61
N LEU B 246 -0.15 -7.07 -37.26
CA LEU B 246 -0.88 -6.10 -38.08
C LEU B 246 0.02 -5.01 -38.60
N TYR B 247 0.98 -4.61 -37.79
CA TYR B 247 1.94 -3.58 -38.12
C TYR B 247 3.04 -3.74 -37.10
N ASP B 248 4.15 -4.35 -37.53
CA ASP B 248 5.23 -4.78 -36.65
C ASP B 248 6.17 -3.62 -36.22
N SER B 249 5.89 -3.07 -35.01
CA SER B 249 6.60 -1.90 -34.47
C SER B 249 6.24 -1.73 -33.02
N GLU B 250 7.11 -1.07 -32.26
CA GLU B 250 6.80 -0.67 -30.88
C GLU B 250 5.67 0.38 -30.79
N HIS B 251 5.57 1.24 -31.81
CA HIS B 251 4.49 2.22 -31.90
C HIS B 251 3.16 1.48 -31.97
N ASN B 252 3.21 0.16 -32.20
CA ASN B 252 2.00 -0.63 -32.25
C ASN B 252 2.02 -1.74 -31.21
N GLY B 253 1.88 -1.35 -29.95
CA GLY B 253 1.86 -2.29 -28.83
C GLY B 253 0.50 -2.50 -28.19
N ILE B 254 0.49 -3.30 -27.15
CA ILE B 254 -0.69 -3.55 -26.35
C ILE B 254 -0.62 -2.82 -24.99
N THR B 255 -1.78 -2.62 -24.36
CA THR B 255 -1.89 -2.35 -22.91
C THR B 255 -2.14 -3.68 -22.24
N MET B 256 -1.13 -4.27 -21.60
CA MET B 256 -1.39 -5.50 -20.89
C MET B 256 -2.30 -5.23 -19.70
N CYS B 257 -3.58 -5.55 -19.81
CA CYS B 257 -4.50 -5.35 -18.70
C CYS B 257 -4.81 -6.71 -18.06
N VAL B 258 -3.85 -7.25 -17.29
CA VAL B 258 -3.95 -8.62 -16.74
C VAL B 258 -5.35 -9.07 -16.26
N GLY B 259 -6.08 -8.20 -15.56
CA GLY B 259 -7.44 -8.55 -15.09
C GLY B 259 -8.50 -8.80 -16.16
N SER B 260 -8.29 -8.30 -17.36
CA SER B 260 -9.24 -8.47 -18.45
C SER B 260 -8.97 -9.81 -19.11
N TYR B 261 -7.76 -9.97 -19.63
CA TYR B 261 -7.33 -11.24 -20.17
C TYR B 261 -7.67 -12.40 -19.23
N ALA B 262 -7.35 -12.24 -17.94
CA ALA B 262 -7.64 -13.26 -16.94
C ALA B 262 -9.10 -13.34 -16.48
N SER B 263 -9.99 -12.56 -17.08
CA SER B 263 -11.39 -12.75 -16.74
C SER B 263 -11.95 -14.01 -17.41
N ASP B 264 -11.17 -14.57 -18.31
CA ASP B 264 -11.46 -15.85 -18.93
C ASP B 264 -10.31 -16.80 -18.62
N PRO B 265 -10.56 -17.80 -17.78
CA PRO B 265 -9.56 -18.76 -17.38
C PRO B 265 -8.88 -19.44 -18.58
N LYS B 266 -9.56 -19.48 -19.71
CA LYS B 266 -8.91 -20.00 -20.90
C LYS B 266 -7.56 -19.29 -21.07
N ASN B 267 -7.38 -18.15 -20.41
CA ASN B 267 -6.18 -17.29 -20.51
C ASN B 267 -5.16 -17.39 -19.35
N ASP B 268 -3.88 -17.46 -19.69
CA ASP B 268 -2.81 -17.32 -18.70
C ASP B 268 -1.97 -16.03 -18.95
N VAL B 269 -2.28 -15.02 -18.13
CA VAL B 269 -1.61 -13.73 -18.16
C VAL B 269 -0.08 -13.80 -18.13
N LEU B 270 0.47 -14.71 -17.32
CA LEU B 270 1.92 -14.80 -17.17
C LEU B 270 2.64 -15.02 -18.48
N ALA B 271 2.28 -16.07 -19.21
CA ALA B 271 2.92 -16.41 -20.49
C ALA B 271 2.54 -15.34 -21.50
N MET B 272 1.28 -14.89 -21.43
CA MET B 272 0.82 -13.75 -22.24
C MET B 272 1.65 -12.49 -21.99
N THR B 273 1.80 -12.11 -20.71
CA THR B 273 2.61 -10.95 -20.35
C THR B 273 4.03 -11.15 -20.89
N GLU B 274 4.62 -12.32 -20.57
CA GLU B 274 5.98 -12.64 -21.02
C GLU B 274 6.11 -12.66 -22.54
N TYR B 275 5.25 -13.44 -23.22
CA TYR B 275 5.28 -13.46 -24.68
C TYR B 275 5.40 -12.01 -25.14
N ALA B 276 4.44 -11.19 -24.72
CA ALA B 276 4.40 -9.79 -25.04
C ALA B 276 5.69 -9.03 -24.68
N LEU B 277 6.30 -9.31 -23.51
CA LEU B 277 7.59 -8.67 -23.11
C LEU B 277 8.77 -9.16 -23.94
N LYS B 278 8.89 -10.49 -24.08
CA LYS B 278 9.85 -11.12 -25.02
C LYS B 278 9.87 -10.38 -26.34
N ARG B 279 8.72 -9.83 -26.72
CA ARG B 279 8.57 -9.25 -28.05
C ARG B 279 8.74 -7.73 -28.10
N ASN B 280 8.75 -7.09 -26.92
CA ASN B 280 8.84 -5.64 -26.79
C ASN B 280 7.61 -4.85 -27.24
N ARG B 281 6.46 -5.20 -26.70
CA ARG B 281 5.22 -4.67 -27.24
C ARG B 281 4.18 -4.34 -26.19
N ILE B 282 4.59 -4.34 -24.92
CA ILE B 282 3.79 -3.75 -23.86
C ILE B 282 4.13 -2.26 -23.76
N ASN B 283 3.11 -1.41 -23.90
CA ASN B 283 3.29 0.05 -23.84
C ASN B 283 2.60 0.67 -22.64
N PHE B 284 1.95 -0.19 -21.86
CA PHE B 284 1.15 0.25 -20.74
C PHE B 284 0.74 -0.97 -19.91
N MET B 285 0.81 -0.81 -18.60
CA MET B 285 0.33 -1.87 -17.73
C MET B 285 -0.93 -1.42 -16.97
N HIS B 286 -1.96 -2.25 -16.97
CA HIS B 286 -2.92 -2.20 -15.88
C HIS B 286 -2.75 -3.48 -15.08
N THR B 287 -3.19 -3.42 -13.83
CA THR B 287 -2.77 -4.36 -12.85
C THR B 287 -3.88 -4.50 -11.78
N ARG B 288 -5.06 -4.96 -12.19
CA ARG B 288 -6.11 -5.23 -11.21
C ARG B 288 -6.32 -6.74 -11.12
N ASN B 289 -6.69 -7.22 -9.95
CA ASN B 289 -6.77 -8.65 -9.78
C ASN B 289 -8.19 -9.05 -10.05
N VAL B 290 -8.38 -10.33 -10.35
CA VAL B 290 -9.70 -10.86 -10.58
C VAL B 290 -9.80 -12.35 -10.24
N THR B 291 -10.93 -12.76 -9.64
CA THR B 291 -11.16 -14.18 -9.44
C THR B 291 -12.15 -14.78 -10.45
N ALA B 292 -11.74 -15.93 -11.00
CA ALA B 292 -12.48 -16.55 -12.10
C ALA B 292 -12.34 -18.11 -12.19
N GLY B 293 -13.32 -18.69 -12.91
CA GLY B 293 -13.35 -20.13 -13.28
C GLY B 293 -14.40 -20.27 -14.38
N ALA B 294 -15.08 -21.41 -14.46
CA ALA B 294 -16.20 -21.57 -15.43
C ALA B 294 -17.52 -20.80 -15.07
N TRP B 295 -17.62 -20.32 -13.83
CA TRP B 295 -18.86 -19.77 -13.28
C TRP B 295 -19.16 -18.32 -13.70
N GLY B 296 -18.14 -17.64 -14.25
CA GLY B 296 -18.11 -16.16 -14.43
C GLY B 296 -16.82 -15.53 -13.86
N PHE B 297 -16.88 -14.28 -13.39
CA PHE B 297 -15.67 -13.62 -12.83
C PHE B 297 -15.98 -12.46 -11.86
N GLN B 298 -15.06 -12.19 -10.91
CA GLN B 298 -15.22 -11.09 -9.93
C GLN B 298 -13.92 -10.42 -9.55
N GLU B 299 -13.96 -9.10 -9.54
CA GLU B 299 -12.82 -8.27 -9.17
C GLU B 299 -12.59 -8.23 -7.67
N THR B 300 -11.32 -8.40 -7.30
CA THR B 300 -10.89 -8.48 -5.91
C THR B 300 -9.78 -7.46 -5.65
N ALA B 301 -9.42 -7.27 -4.38
CA ALA B 301 -8.20 -6.52 -4.00
C ALA B 301 -7.00 -6.95 -4.86
N HIS B 302 -5.96 -6.11 -4.95
CA HIS B 302 -4.86 -6.32 -5.91
C HIS B 302 -3.94 -7.44 -5.53
N LEU B 303 -3.81 -7.64 -4.21
CA LEU B 303 -2.99 -8.67 -3.58
C LEU B 303 -3.15 -10.03 -4.25
N SER B 304 -2.07 -10.53 -4.86
CA SER B 304 -2.12 -11.78 -5.59
C SER B 304 -3.14 -12.71 -4.95
N GLN B 305 -2.98 -12.95 -3.65
CA GLN B 305 -3.77 -13.97 -2.92
C GLN B 305 -5.25 -13.70 -2.85
N ALA B 306 -5.72 -12.49 -3.11
CA ALA B 306 -7.17 -12.21 -3.06
C ALA B 306 -8.00 -12.64 -4.29
N GLY B 307 -7.29 -12.90 -5.40
CA GLY B 307 -7.86 -13.29 -6.70
C GLY B 307 -6.94 -14.34 -7.33
N ASP B 308 -6.97 -14.50 -8.64
CA ASP B 308 -6.26 -15.62 -9.26
C ASP B 308 -4.95 -15.22 -9.94
N ILE B 309 -4.66 -13.92 -9.99
CA ILE B 309 -3.41 -13.46 -10.58
C ILE B 309 -2.26 -13.39 -9.55
N ASP B 310 -1.14 -14.02 -9.91
CA ASP B 310 0.14 -13.94 -9.19
C ASP B 310 0.79 -12.64 -9.60
N MET B 311 0.44 -11.58 -8.88
CA MET B 311 0.90 -10.23 -9.17
C MET B 311 2.42 -10.08 -9.01
N ASN B 312 3.02 -10.80 -8.05
CA ASN B 312 4.48 -10.78 -7.93
C ASN B 312 5.13 -11.24 -9.24
N ALA B 313 4.70 -12.41 -9.72
CA ALA B 313 5.13 -12.96 -11.00
C ALA B 313 5.03 -11.90 -12.11
N VAL B 314 3.92 -11.15 -12.12
CA VAL B 314 3.74 -10.14 -13.15
C VAL B 314 4.84 -9.08 -13.10
N VAL B 315 5.13 -8.57 -11.91
CA VAL B 315 6.07 -7.46 -11.85
C VAL B 315 7.52 -7.97 -11.81
N LYS B 316 7.74 -9.13 -11.18
CA LYS B 316 9.02 -9.84 -11.31
C LYS B 316 9.37 -9.89 -12.78
N LEU B 317 8.36 -10.22 -13.59
CA LEU B 317 8.51 -10.26 -15.03
C LEU B 317 8.86 -8.91 -15.63
N LEU B 318 8.14 -7.86 -15.20
CA LEU B 318 8.45 -6.47 -15.60
C LEU B 318 9.88 -6.11 -15.19
N VAL B 319 10.34 -6.68 -14.08
CA VAL B 319 11.69 -6.44 -13.61
C VAL B 319 12.74 -7.04 -14.54
N ASP B 320 12.67 -8.37 -14.76
CA ASP B 320 13.72 -9.10 -15.47
C ASP B 320 13.86 -8.67 -16.90
N TYR B 321 12.77 -8.13 -17.47
CA TYR B 321 12.81 -7.66 -18.84
C TYR B 321 13.14 -6.18 -18.98
N ASP B 322 13.70 -5.60 -17.91
CA ASP B 322 13.97 -4.15 -17.84
C ASP B 322 12.88 -3.31 -18.53
N TRP B 323 11.65 -3.55 -18.13
CA TRP B 323 10.51 -2.95 -18.79
C TRP B 323 10.47 -1.46 -18.48
N GLN B 324 10.20 -0.64 -19.49
CA GLN B 324 10.08 0.79 -19.29
C GLN B 324 8.73 1.25 -19.75
N GLY B 325 7.88 1.64 -18.81
CA GLY B 325 6.60 2.26 -19.15
C GLY B 325 5.92 2.68 -17.88
N SER B 326 4.60 2.76 -17.94
CA SER B 326 3.82 3.07 -16.75
C SER B 326 2.87 1.93 -16.33
N LEU B 327 2.60 1.85 -15.03
CA LEU B 327 1.60 0.94 -14.50
C LEU B 327 0.54 1.69 -13.69
N ARG B 328 -0.74 1.38 -13.90
CA ARG B 328 -1.82 1.81 -12.99
C ARG B 328 -2.43 0.63 -12.25
N PRO B 329 -2.64 0.78 -10.93
CA PRO B 329 -3.37 -0.18 -10.13
C PRO B 329 -4.70 -0.57 -10.80
N ASP B 330 -5.48 0.42 -11.24
CA ASP B 330 -6.73 0.25 -12.01
C ASP B 330 -7.81 -0.46 -11.21
N HIS B 331 -9.01 0.12 -11.11
CA HIS B 331 -10.16 -0.53 -10.46
C HIS B 331 -9.87 -0.89 -9.00
N GLY B 332 -10.77 -0.53 -8.09
CA GLY B 332 -10.63 -0.95 -6.69
C GLY B 332 -11.94 -1.49 -6.13
N ARG B 333 -11.95 -1.81 -4.84
CA ARG B 333 -13.18 -2.25 -4.17
C ARG B 333 -13.83 -1.02 -3.56
N ARG B 334 -15.06 -1.12 -3.11
CA ARG B 334 -15.56 -0.03 -2.29
C ARG B 334 -15.30 -0.37 -0.83
N ILE B 335 -14.22 0.23 -0.34
CA ILE B 335 -13.80 0.12 1.03
C ILE B 335 -14.02 1.47 1.67
N TRP B 336 -14.29 1.42 2.98
CA TRP B 336 -14.48 2.63 3.79
C TRP B 336 -15.70 3.37 3.24
N GLY B 337 -15.87 4.65 3.56
CA GLY B 337 -17.13 5.33 3.24
C GLY B 337 -17.24 5.70 1.77
N ASP B 338 -16.48 4.98 0.93
CA ASP B 338 -16.04 5.47 -0.39
C ASP B 338 -17.16 5.97 -1.25
N GLN B 339 -17.12 7.27 -1.50
CA GLN B 339 -18.26 7.96 -2.09
C GLN B 339 -18.10 8.26 -3.58
N THR B 340 -16.91 8.08 -4.12
CA THR B 340 -16.77 8.12 -5.57
C THR B 340 -17.84 7.20 -6.18
N LYS B 341 -18.70 7.76 -7.03
CA LYS B 341 -19.61 6.95 -7.84
C LYS B 341 -18.73 6.21 -8.85
N THR B 342 -18.52 6.83 -10.02
CA THR B 342 -17.83 6.19 -11.15
C THR B 342 -17.06 4.92 -10.77
N PRO B 343 -17.60 3.74 -11.17
CA PRO B 343 -17.29 2.35 -10.81
C PRO B 343 -15.99 2.08 -10.01
N GLY B 344 -15.06 1.30 -10.57
CA GLY B 344 -13.85 0.89 -9.83
C GLY B 344 -12.84 2.00 -9.60
N TYR B 345 -13.31 3.24 -9.66
CA TYR B 345 -12.45 4.40 -9.74
C TYR B 345 -12.41 5.26 -8.49
N GLY B 346 -12.85 4.68 -7.37
CA GLY B 346 -12.62 5.26 -6.06
C GLY B 346 -11.14 5.27 -5.73
N LEU B 347 -10.72 6.32 -5.03
CA LEU B 347 -9.31 6.55 -4.62
C LEU B 347 -8.67 5.46 -3.76
N TYR B 348 -9.35 5.11 -2.68
CA TYR B 348 -8.77 4.35 -1.58
C TYR B 348 -8.11 3.04 -2.00
N ASP B 349 -8.88 2.16 -2.61
CA ASP B 349 -8.31 0.86 -2.83
C ASP B 349 -7.33 0.91 -3.98
N ARG B 350 -7.55 1.83 -4.92
CA ARG B 350 -6.58 2.05 -6.00
C ARG B 350 -5.23 2.59 -5.43
N ALA B 351 -5.32 3.47 -4.45
CA ALA B 351 -4.12 3.88 -3.75
C ALA B 351 -3.52 2.66 -3.03
N LEU B 352 -4.31 1.96 -2.23
CA LEU B 352 -3.80 0.73 -1.61
C LEU B 352 -3.26 -0.27 -2.63
N GLY B 353 -3.53 -0.03 -3.91
CA GLY B 353 -2.98 -0.85 -4.99
C GLY B 353 -1.56 -0.45 -5.37
N ALA B 354 -1.35 0.86 -5.56
CA ALA B 354 -0.02 1.37 -5.94
C ALA B 354 1.06 1.05 -4.88
N THR B 355 0.77 1.23 -3.60
CA THR B 355 1.80 0.98 -2.58
C THR B 355 2.20 -0.53 -2.47
N TYR B 356 1.22 -1.40 -2.70
CA TYR B 356 1.47 -2.85 -2.91
C TYR B 356 2.37 -3.12 -4.12
N PHE B 357 2.15 -2.42 -5.23
CA PHE B 357 3.10 -2.51 -6.36
C PHE B 357 4.43 -1.86 -6.02
N ASN B 358 4.40 -0.89 -5.09
CA ASN B 358 5.62 -0.29 -4.59
C ASN B 358 6.49 -1.38 -3.94
N GLY B 359 5.94 -2.07 -2.95
CA GLY B 359 6.58 -3.24 -2.35
C GLY B 359 6.98 -4.34 -3.34
N LEU B 360 6.08 -4.73 -4.24
CA LEU B 360 6.44 -5.73 -5.27
C LEU B 360 7.57 -5.28 -6.21
N TYR B 361 7.48 -4.10 -6.80
CA TYR B 361 8.52 -3.65 -7.72
C TYR B 361 9.85 -3.47 -7.01
N GLU B 362 9.83 -2.93 -5.80
CA GLU B 362 11.05 -2.62 -5.04
C GLU B 362 11.72 -3.93 -4.62
N ALA B 363 10.99 -4.79 -3.93
CA ALA B 363 11.57 -6.07 -3.54
C ALA B 363 12.16 -6.86 -4.72
N ASN B 364 11.40 -7.01 -5.80
CA ASN B 364 11.96 -7.66 -6.99
C ASN B 364 13.15 -6.92 -7.61
N MET B 365 13.15 -5.59 -7.57
CA MET B 365 14.29 -4.83 -8.09
C MET B 365 15.53 -5.22 -7.30
N ARG B 366 15.40 -5.19 -5.98
CA ARG B 366 16.54 -5.36 -5.13
C ARG B 366 17.05 -6.77 -5.40
N ALA B 367 16.19 -7.77 -5.19
CA ALA B 367 16.50 -9.18 -5.50
C ALA B 367 17.36 -9.39 -6.77
N ALA B 368 17.31 -8.48 -7.72
CA ALA B 368 18.03 -8.70 -8.94
C ALA B 368 19.25 -7.80 -9.11
N GLY B 369 19.68 -7.15 -8.01
CA GLY B 369 20.88 -6.27 -8.02
C GLY B 369 20.57 -5.01 -8.82
N LYS B 370 19.29 -4.72 -8.91
CA LYS B 370 18.81 -3.56 -9.62
C LYS B 370 18.38 -2.53 -8.55
N THR B 371 18.60 -1.25 -8.83
CA THR B 371 18.23 -0.23 -7.85
C THR B 371 16.94 0.51 -8.23
N PRO B 372 15.87 0.35 -7.43
CA PRO B 372 14.53 0.82 -7.80
C PRO B 372 14.47 2.30 -7.66
N ASP B 373 13.85 2.98 -8.64
CA ASP B 373 13.57 4.40 -8.51
C ASP B 373 12.07 4.69 -8.52
N PHE B 374 11.65 5.60 -7.63
CA PHE B 374 10.25 6.01 -7.51
C PHE B 374 10.13 7.51 -7.69
N GLY B 375 11.17 8.15 -8.19
CA GLY B 375 11.04 9.52 -8.61
C GLY B 375 11.05 10.55 -7.49
N ILE B 376 11.46 10.13 -6.30
CA ILE B 376 11.58 11.06 -5.19
C ILE B 376 12.87 11.87 -5.28
N LYS B 377 12.72 13.18 -5.34
CA LYS B 377 13.83 14.13 -5.44
C LYS B 377 14.18 14.76 -4.07
N ALA B 378 13.33 14.57 -3.07
CA ALA B 378 13.54 15.19 -1.78
C ALA B 378 12.73 14.50 -0.72
N LYS B 379 13.41 14.20 0.39
CA LYS B 379 12.77 13.65 1.58
C LYS B 379 12.05 14.69 2.42
N THR B 380 12.57 15.91 2.38
CA THR B 380 12.22 16.97 3.31
C THR B 380 12.07 18.29 2.58
N VAL B 381 11.53 19.27 3.29
CA VAL B 381 11.42 20.66 2.83
C VAL B 381 11.91 21.60 3.94
N GLY B 382 13.04 22.28 3.69
CA GLY B 382 13.59 23.32 4.61
C GLY B 382 14.52 22.91 5.77
N THR B 383 14.66 21.60 6.05
CA THR B 383 15.43 21.12 7.23
C THR B 383 16.94 20.86 6.94
N LYS B 384 17.32 19.59 6.68
CA LYS B 384 18.64 19.19 6.05
C LYS B 384 19.95 19.40 6.87
N GLU B 385 20.92 18.50 6.65
CA GLU B 385 22.23 18.55 7.33
C GLU B 385 23.43 18.71 6.36
#